data_3ZE8
#
_entry.id   3ZE8
#
_cell.length_a   72.227
_cell.length_b   97.632
_cell.length_c   103.348
_cell.angle_alpha   90.00
_cell.angle_beta   90.00
_cell.angle_gamma   90.00
#
_symmetry.space_group_name_H-M   'P 21 21 21'
#
loop_
_entity.id
_entity.type
_entity.pdbx_description
1 polymer 'PERIPLASMIC [NIFESE] HYDROGENASE, SMALL SUBUNIT'
2 polymer 'PERIPLASMIC [NIFESE] HYDROGENASE, LARGE SUBUNIT, SELENOCYSTEINE-CONTAINING'
3 non-polymer 'IRON/SULFUR CLUSTER'
4 non-polymer N-DODECYL-N,N-DIMETHYL-3-AMMONIO-1-PROPANESULFONATE
5 non-polymer 'CARBONMONOXIDE-(DICYANO) IRON'
6 non-polymer 'NICKEL (II) ION'
7 non-polymer 'FE (II) ION'
8 non-polymer 'CHLORIDE ION'
9 water water
#
loop_
_entity_poly.entity_id
_entity_poly.type
_entity_poly.pdbx_seq_one_letter_code
_entity_poly.pdbx_strand_id
1 'polypeptide(L)'
;GTLTGERPPVFWLQGQGCTGCSVTLLNSVHPSIADVLLKVISLEFHPTVMAWEGEHAIEHMRKVAEKFKGKFFLVIEGSV
PVEADGKYCIIGEANHHEISMVDALKEFGPNAAAVLAVGTCAAYGGIPAAEGSETGATAVSKFLGDNGIKTPVVNIPGCP
PHPDWIVGTVVLALDAIKKNGLEGGLAEVVKVLDSDGRPTPFFGRNIHENCPYLDKYDEGVMSATFTDKVGCRYDLGCKG
PMTMADCFERKWNGGVNWCVQNAVCIGCVEPDFPDGKSPFYQA
;
A
2 'polypeptide(L)'
;GATGRTTIAIDPVTRIEGHLKAEVVVENGKVVDARLSGGMYRGFETILRGRDPRDASQIVQRI(OCS)GVCPTAHSTASV
LALDEAFGAKVPNNGRITRNLIFGANYLQSHILHFYHLSAQDFVQGPDTAPFVPRFPKSDLRLSKELNKAGVDQYIEALE
VRRICHEMVALFGGRMPHVQGQVVGGATEIPTKEKLVEYAARFKKVRDFVEQKYVPVVYTIGSKYKDMFKVGQGFKAALC
VGAFPLDNSGKKHLFMPGVYAKGKDMPFDPSKIKEYVKYSWFAEETTGLNYKEGKTIPAPDKAGAYSFVKAPRYDGLSLE
VGPLARMWVNNPELSPVGKKLLKDLFGISAKKFRDLGEEAAFSLMGRHVARAEETYYMLGAIEGWLKEIKAGEDTVVMPA
VPASAEGTGFTEAPRGSLLHYVKVKDSKIDNYQIVSASLWNCNPRDDMGQRGAVEEALIGIPVDDIQNPVNVARLIRAFD
P(PSW)LGCAVH
;
B
#
# COMPACT_ATOMS: atom_id res chain seq x y z
N ARG A 7 -22.46 16.28 15.02
CA ARG A 7 -21.62 15.25 14.38
C ARG A 7 -20.45 15.91 13.65
N PRO A 8 -19.34 16.09 14.37
CA PRO A 8 -18.14 16.78 13.87
C PRO A 8 -17.51 16.10 12.66
N PRO A 9 -17.06 16.89 11.69
CA PRO A 9 -16.35 16.34 10.55
C PRO A 9 -14.90 15.97 10.89
N VAL A 10 -14.40 14.96 10.21
CA VAL A 10 -13.00 14.59 10.26
C VAL A 10 -12.44 14.68 8.85
N PHE A 11 -11.29 15.36 8.71
CA PHE A 11 -10.52 15.32 7.47
C PHE A 11 -9.25 14.52 7.73
N TRP A 12 -9.01 13.50 6.91
CA TRP A 12 -7.86 12.63 7.05
C TRP A 12 -6.87 13.01 5.95
N LEU A 13 -5.80 13.68 6.33
CA LEU A 13 -4.81 14.16 5.38
C LEU A 13 -3.58 13.25 5.37
N GLN A 14 -3.21 12.79 4.19
CA GLN A 14 -2.00 12.00 4.05
C GLN A 14 -0.83 12.87 3.58
N GLY A 15 0.25 12.87 4.37
CA GLY A 15 1.49 13.54 4.00
C GLY A 15 2.43 12.52 3.38
N GLN A 16 3.63 12.40 3.93
CA GLN A 16 4.54 11.34 3.49
C GLN A 16 4.21 10.06 4.25
N GLY A 17 3.05 9.50 3.92
CA GLY A 17 2.59 8.27 4.53
C GLY A 17 2.71 7.10 3.56
N CYS A 18 2.45 5.89 4.06
CA CYS A 18 2.49 4.68 3.23
C CYS A 18 1.09 4.06 3.12
N THR A 19 0.12 4.73 3.72
CA THR A 19 -1.29 4.27 3.76
C THR A 19 -1.48 3.12 4.76
N GLY A 20 -0.40 2.70 5.42
CA GLY A 20 -0.49 1.64 6.41
C GLY A 20 -1.26 2.00 7.67
N CYS A 21 -1.29 3.28 8.00
CA CYS A 21 -2.08 3.73 9.15
C CYS A 21 -3.58 3.70 8.83
N SER A 22 -3.93 3.99 7.58
CA SER A 22 -5.31 3.80 7.13
C SER A 22 -5.65 2.31 7.12
N VAL A 23 -4.78 1.49 6.54
CA VAL A 23 -5.05 0.05 6.44
C VAL A 23 -5.22 -0.60 7.81
N THR A 24 -4.39 -0.20 8.76
CA THR A 24 -4.48 -0.81 10.08
C THR A 24 -5.84 -0.51 10.71
N LEU A 25 -6.37 0.69 10.45
CA LEU A 25 -7.67 1.06 10.99
C LEU A 25 -8.76 0.20 10.35
N LEU A 26 -8.59 -0.12 9.07
CA LEU A 26 -9.54 -1.00 8.38
C LEU A 26 -9.58 -2.39 9.02
N ASN A 27 -8.54 -2.73 9.78
CA ASN A 27 -8.48 -4.02 10.46
C ASN A 27 -9.16 -4.06 11.83
N SER A 28 -9.71 -2.93 12.27
CA SER A 28 -10.32 -2.87 13.60
C SER A 28 -11.52 -3.78 13.76
N VAL A 29 -11.56 -4.51 14.87
CA VAL A 29 -12.76 -5.24 15.26
C VAL A 29 -13.37 -4.58 16.48
N HIS A 30 -13.07 -3.30 16.66
CA HIS A 30 -13.60 -2.60 17.83
C HIS A 30 -15.11 -2.47 17.68
N PRO A 31 -15.85 -2.84 18.74
CA PRO A 31 -17.32 -2.78 18.65
C PRO A 31 -17.84 -1.37 18.36
N SER A 32 -17.04 -0.35 18.66
CA SER A 32 -17.46 1.04 18.46
C SER A 32 -17.11 1.64 17.07
N ILE A 33 -16.30 0.94 16.28
CA ILE A 33 -15.80 1.51 15.02
C ILE A 33 -16.90 2.00 14.05
N ALA A 34 -17.84 1.13 13.73
CA ALA A 34 -18.92 1.46 12.81
C ALA A 34 -19.70 2.66 13.33
N ASP A 35 -19.97 2.66 14.63
CA ASP A 35 -20.71 3.77 15.25
C ASP A 35 -19.97 5.10 15.16
N VAL A 36 -18.66 5.06 15.39
CA VAL A 36 -17.83 6.25 15.29
C VAL A 36 -17.96 6.89 13.89
N LEU A 37 -17.95 6.05 12.85
CA LEU A 37 -17.99 6.51 11.46
C LEU A 37 -19.37 6.92 10.94
N LEU A 38 -20.42 6.36 11.52
CA LEU A 38 -21.76 6.56 10.98
C LEU A 38 -22.63 7.54 11.77
N LYS A 39 -22.34 7.68 13.08
CA LYS A 39 -23.21 8.45 13.96
C LYS A 39 -22.50 9.53 14.78
N VAL A 40 -21.24 9.28 15.13
CA VAL A 40 -20.52 10.17 16.04
C VAL A 40 -19.75 11.26 15.28
N ILE A 41 -18.96 10.83 14.29
CA ILE A 41 -18.28 11.78 13.43
C ILE A 41 -18.62 11.50 11.98
N SER A 42 -18.15 12.38 11.10
CA SER A 42 -18.38 12.23 9.67
C SER A 42 -17.05 12.36 8.94
N LEU A 43 -16.64 11.29 8.27
CA LEU A 43 -15.39 11.28 7.52
C LEU A 43 -15.58 11.96 6.16
N GLU A 44 -15.32 13.26 6.10
CA GLU A 44 -15.69 14.05 4.93
C GLU A 44 -14.61 14.08 3.87
N PHE A 45 -13.37 13.83 4.26
CA PHE A 45 -12.27 13.78 3.31
C PHE A 45 -11.31 12.67 3.72
N HIS A 46 -11.02 11.78 2.78
CA HIS A 46 -9.99 10.75 2.93
C HIS A 46 -9.66 10.27 1.53
N PRO A 47 -8.44 10.58 1.04
CA PRO A 47 -8.11 10.35 -0.37
C PRO A 47 -8.22 8.89 -0.82
N THR A 48 -8.05 7.94 0.10
CA THR A 48 -8.02 6.53 -0.28
C THR A 48 -9.42 5.93 -0.50
N VAL A 49 -10.43 6.48 0.18
CA VAL A 49 -11.75 5.85 0.18
C VAL A 49 -12.94 6.74 -0.22
N MET A 50 -12.76 8.06 -0.29
CA MET A 50 -13.91 8.94 -0.54
C MET A 50 -14.42 8.86 -1.97
N ALA A 51 -15.69 9.24 -2.16
CA ALA A 51 -16.34 9.18 -3.46
C ALA A 51 -15.78 10.17 -4.47
N TRP A 52 -15.66 11.44 -4.09
CA TRP A 52 -15.28 12.48 -5.04
C TRP A 52 -13.76 12.56 -5.17
N GLU A 53 -13.29 13.51 -5.98
CA GLU A 53 -11.89 13.54 -6.38
C GLU A 53 -11.45 14.97 -6.71
N GLY A 54 -10.14 15.16 -6.81
CA GLY A 54 -9.58 16.39 -7.37
C GLY A 54 -9.95 17.64 -6.61
N GLU A 55 -10.06 18.74 -7.34
CA GLU A 55 -10.37 20.03 -6.71
CA GLU A 55 -10.37 20.05 -6.76
C GLU A 55 -11.75 20.03 -6.07
N HIS A 56 -12.64 19.18 -6.56
CA HIS A 56 -13.96 19.07 -5.97
C HIS A 56 -13.89 18.51 -4.54
N ALA A 57 -13.03 17.52 -4.33
CA ALA A 57 -12.82 16.95 -3.02
C ALA A 57 -12.17 17.97 -2.08
N ILE A 58 -11.19 18.70 -2.60
CA ILE A 58 -10.52 19.75 -1.84
C ILE A 58 -11.52 20.83 -1.45
N GLU A 59 -12.36 21.23 -2.40
CA GLU A 59 -13.30 22.30 -2.14
C GLU A 59 -14.40 21.86 -1.17
N HIS A 60 -14.77 20.57 -1.24
CA HIS A 60 -15.73 20.02 -0.30
C HIS A 60 -15.16 20.14 1.11
N MET A 61 -13.91 19.71 1.28
CA MET A 61 -13.26 19.78 2.58
C MET A 61 -13.26 21.22 3.08
N ARG A 62 -12.92 22.15 2.19
CA ARG A 62 -12.89 23.56 2.56
C ARG A 62 -14.25 24.10 3.00
N LYS A 63 -15.30 23.79 2.26
CA LYS A 63 -16.64 24.26 2.63
C LYS A 63 -17.10 23.69 3.97
N VAL A 64 -16.79 22.42 4.22
CA VAL A 64 -17.12 21.83 5.50
C VAL A 64 -16.31 22.48 6.63
N ALA A 65 -15.01 22.68 6.39
CA ALA A 65 -14.13 23.24 7.39
C ALA A 65 -14.61 24.61 7.85
N GLU A 66 -15.09 25.39 6.87
CA GLU A 66 -15.60 26.74 7.12
C GLU A 66 -16.86 26.68 7.98
N LYS A 67 -17.76 25.77 7.65
CA LYS A 67 -18.99 25.59 8.42
CA LYS A 67 -18.99 25.59 8.42
C LYS A 67 -18.70 25.12 9.84
N PHE A 68 -17.65 24.31 9.99
CA PHE A 68 -17.31 23.74 11.31
C PHE A 68 -16.01 24.26 11.89
N LYS A 69 -15.71 25.54 11.64
CA LYS A 69 -14.48 26.18 12.13
C LYS A 69 -14.35 26.02 13.64
N GLY A 70 -13.18 25.55 14.09
CA GLY A 70 -12.95 25.28 15.50
C GLY A 70 -13.54 23.98 16.01
N LYS A 71 -14.23 23.23 15.15
CA LYS A 71 -14.99 22.06 15.59
C LYS A 71 -14.64 20.77 14.87
N PHE A 72 -13.94 20.86 13.75
CA PHE A 72 -13.58 19.67 13.01
C PHE A 72 -12.28 19.09 13.54
N PHE A 73 -12.02 17.83 13.22
CA PHE A 73 -10.81 17.18 13.67
C PHE A 73 -9.97 16.82 12.47
N LEU A 74 -8.64 16.91 12.63
CA LEU A 74 -7.73 16.48 11.58
C LEU A 74 -7.06 15.17 12.02
N VAL A 75 -6.98 14.23 11.09
CA VAL A 75 -6.11 13.08 11.28
C VAL A 75 -4.99 13.24 10.25
N ILE A 76 -3.75 13.13 10.72
CA ILE A 76 -2.60 13.21 9.83
C ILE A 76 -1.88 11.87 9.80
N GLU A 77 -1.66 11.37 8.60
CA GLU A 77 -0.93 10.13 8.39
C GLU A 77 0.30 10.49 7.57
N GLY A 78 1.48 10.15 8.07
CA GLY A 78 2.72 10.52 7.40
C GLY A 78 3.34 11.80 7.91
N SER A 79 4.61 12.03 7.59
CA SER A 79 5.32 13.22 8.00
C SER A 79 5.07 14.41 7.04
N VAL A 80 5.56 15.58 7.43
CA VAL A 80 5.38 16.83 6.68
C VAL A 80 6.75 17.31 6.20
N PRO A 81 6.99 17.27 4.88
CA PRO A 81 8.33 17.65 4.42
C PRO A 81 8.43 19.15 4.13
N VAL A 82 9.40 19.82 4.72
CA VAL A 82 9.53 21.26 4.56
C VAL A 82 10.57 21.71 3.53
N GLU A 83 11.45 20.80 3.09
CA GLU A 83 12.49 21.18 2.13
C GLU A 83 11.90 21.56 0.77
N ALA A 84 12.66 22.31 -0.01
CA ALA A 84 12.25 22.71 -1.36
C ALA A 84 10.85 23.32 -1.35
N ASP A 85 10.59 24.18 -0.36
CA ASP A 85 9.34 24.93 -0.33
C ASP A 85 8.12 24.00 -0.31
N GLY A 86 8.27 22.83 0.30
CA GLY A 86 7.15 21.91 0.48
C GLY A 86 6.83 20.97 -0.68
N LYS A 87 7.65 21.02 -1.72
CA LYS A 87 7.34 20.35 -2.98
C LYS A 87 7.45 18.82 -2.96
N TYR A 88 8.02 18.30 -1.88
CA TYR A 88 8.15 16.84 -1.76
C TYR A 88 6.83 16.19 -1.35
N CYS A 89 5.80 17.00 -1.13
CA CYS A 89 4.46 16.45 -0.90
C CYS A 89 3.36 17.41 -1.28
N ILE A 90 2.82 17.22 -2.48
CA ILE A 90 1.67 17.96 -2.94
C ILE A 90 0.43 17.09 -2.74
N ILE A 91 -0.57 17.60 -2.04
CA ILE A 91 -1.75 16.80 -1.73
C ILE A 91 -2.99 17.15 -2.55
N GLY A 92 -2.90 18.21 -3.36
CA GLY A 92 -4.05 18.58 -4.17
C GLY A 92 -3.80 19.86 -4.94
N GLU A 93 -4.77 20.24 -5.76
CA GLU A 93 -4.67 21.44 -6.58
C GLU A 93 -6.07 22.05 -6.67
N ALA A 94 -6.17 23.36 -6.44
CA ALA A 94 -7.45 24.06 -6.51
C ALA A 94 -7.35 25.14 -7.57
N ASN A 95 -8.08 24.98 -8.66
CA ASN A 95 -8.07 25.94 -9.75
C ASN A 95 -6.66 26.38 -10.13
N HIS A 96 -5.80 25.41 -10.45
CA HIS A 96 -4.39 25.63 -10.83
C HIS A 96 -3.42 25.90 -9.67
N HIS A 97 -3.92 26.08 -8.46
CA HIS A 97 -3.03 26.35 -7.33
C HIS A 97 -2.67 25.08 -6.54
N GLU A 98 -1.40 24.66 -6.61
CA GLU A 98 -0.94 23.48 -5.87
C GLU A 98 -1.02 23.70 -4.37
N ILE A 99 -1.39 22.65 -3.64
CA ILE A 99 -1.45 22.68 -2.18
C ILE A 99 -0.49 21.64 -1.61
N SER A 100 0.62 22.10 -1.03
CA SER A 100 1.57 21.18 -0.41
C SER A 100 1.01 20.73 0.94
N MET A 101 1.58 19.68 1.52
CA MET A 101 1.23 19.30 2.89
C MET A 101 1.50 20.46 3.84
N VAL A 102 2.64 21.14 3.64
CA VAL A 102 2.99 22.33 4.42
C VAL A 102 1.84 23.34 4.41
N ASP A 103 1.36 23.66 3.22
CA ASP A 103 0.31 24.67 3.09
C ASP A 103 -1.03 24.19 3.62
N ALA A 104 -1.32 22.89 3.46
CA ALA A 104 -2.55 22.33 4.00
C ALA A 104 -2.63 22.43 5.53
N LEU A 105 -1.55 22.08 6.20
CA LEU A 105 -1.50 22.19 7.65
C LEU A 105 -1.53 23.65 8.11
N LYS A 106 -0.87 24.54 7.37
CA LYS A 106 -0.96 25.97 7.68
C LYS A 106 -2.38 26.51 7.54
N GLU A 107 -3.16 25.94 6.60
CA GLU A 107 -4.53 26.38 6.37
C GLU A 107 -5.49 25.77 7.40
N PHE A 108 -5.50 24.44 7.47
CA PHE A 108 -6.49 23.74 8.30
C PHE A 108 -6.12 23.63 9.78
N GLY A 109 -4.83 23.50 10.06
CA GLY A 109 -4.34 23.37 11.41
C GLY A 109 -4.88 24.37 12.43
N PRO A 110 -4.86 25.67 12.09
CA PRO A 110 -5.34 26.71 13.03
C PRO A 110 -6.82 26.59 13.37
N ASN A 111 -7.60 25.96 12.50
CA ASN A 111 -9.05 25.92 12.66
C ASN A 111 -9.61 24.61 13.19
N ALA A 112 -8.73 23.63 13.42
CA ALA A 112 -9.18 22.34 13.93
C ALA A 112 -9.39 22.39 15.43
N ALA A 113 -10.34 21.61 15.93
CA ALA A 113 -10.52 21.45 17.38
C ALA A 113 -9.29 20.75 17.96
N ALA A 114 -8.80 19.75 17.23
CA ALA A 114 -7.60 19.01 17.64
C ALA A 114 -7.05 18.22 16.47
N VAL A 115 -5.78 17.87 16.55
CA VAL A 115 -5.12 17.07 15.52
C VAL A 115 -4.64 15.74 16.11
N LEU A 116 -5.01 14.65 15.45
CA LEU A 116 -4.47 13.34 15.80
CA LEU A 116 -4.48 13.34 15.80
C LEU A 116 -3.34 13.02 14.84
N ALA A 117 -2.12 12.91 15.38
CA ALA A 117 -1.00 12.48 14.58
C ALA A 117 -0.91 10.97 14.67
N VAL A 118 -1.41 10.30 13.64
CA VAL A 118 -1.51 8.84 13.66
C VAL A 118 -0.30 8.22 12.99
N GLY A 119 0.36 7.33 13.72
CA GLY A 119 1.53 6.63 13.20
C GLY A 119 2.81 7.34 13.54
N THR A 120 3.91 6.58 13.57
CA THR A 120 5.19 7.14 13.95
C THR A 120 5.71 8.25 13.01
N CYS A 121 5.39 8.17 11.72
CA CYS A 121 5.78 9.26 10.81
C CYS A 121 5.19 10.61 11.25
N ALA A 122 3.87 10.66 11.42
CA ALA A 122 3.21 11.90 11.80
C ALA A 122 3.64 12.35 13.20
N ALA A 123 3.77 11.37 14.08
CA ALA A 123 4.05 11.67 15.48
C ALA A 123 5.47 12.17 15.71
N TYR A 124 6.45 11.50 15.10
CA TYR A 124 7.85 11.71 15.45
C TYR A 124 8.80 11.89 14.25
N GLY A 125 8.26 11.75 13.04
CA GLY A 125 9.10 11.84 11.85
C GLY A 125 9.30 10.48 11.19
N GLY A 126 9.63 9.47 12.00
CA GLY A 126 9.68 8.09 11.52
C GLY A 126 10.65 7.86 10.38
N ILE A 127 10.36 6.86 9.56
CA ILE A 127 11.25 6.51 8.45
C ILE A 127 11.59 7.65 7.46
N PRO A 128 10.58 8.45 7.04
CA PRO A 128 10.94 9.55 6.11
C PRO A 128 11.90 10.57 6.69
N ALA A 129 12.04 10.61 8.02
CA ALA A 129 12.94 11.55 8.66
C ALA A 129 14.28 10.91 9.05
N ALA A 130 14.45 9.64 8.71
CA ALA A 130 15.59 8.86 9.17
C ALA A 130 16.88 9.23 8.43
N GLU A 131 18.01 8.80 8.97
CA GLU A 131 19.32 9.12 8.38
C GLU A 131 19.34 8.76 6.91
N GLY A 132 19.82 9.67 6.08
CA GLY A 132 19.86 9.44 4.64
C GLY A 132 18.73 10.13 3.89
N SER A 133 17.74 10.60 4.61
CA SER A 133 16.63 11.35 4.02
C SER A 133 17.02 12.79 3.70
N GLU A 134 16.31 13.40 2.76
CA GLU A 134 16.67 14.72 2.26
C GLU A 134 15.48 15.68 2.15
N THR A 135 14.33 15.30 2.69
CA THR A 135 13.10 16.05 2.40
C THR A 135 12.66 16.98 3.52
N GLY A 136 13.39 16.98 4.64
CA GLY A 136 12.98 17.78 5.78
C GLY A 136 11.70 17.25 6.38
N ALA A 137 11.57 15.93 6.39
CA ALA A 137 10.41 15.27 6.97
C ALA A 137 10.28 15.66 8.43
N THR A 138 9.12 16.22 8.79
CA THR A 138 8.92 16.82 10.11
C THR A 138 7.68 16.26 10.79
N ALA A 139 7.78 16.08 12.10
CA ALA A 139 6.66 15.59 12.90
C ALA A 139 5.58 16.66 12.96
N VAL A 140 4.32 16.24 13.08
CA VAL A 140 3.19 17.17 13.10
C VAL A 140 3.29 18.24 14.20
N SER A 141 3.53 17.82 15.44
CA SER A 141 3.57 18.77 16.56
C SER A 141 4.70 19.79 16.37
N LYS A 142 5.85 19.31 15.90
CA LYS A 142 7.00 20.18 15.65
C LYS A 142 6.70 21.17 14.52
N PHE A 143 6.14 20.69 13.42
CA PHE A 143 5.78 21.59 12.32
C PHE A 143 4.79 22.66 12.78
N LEU A 144 3.75 22.25 13.49
CA LEU A 144 2.74 23.22 13.92
C LEU A 144 3.31 24.26 14.86
N GLY A 145 4.10 23.81 15.83
CA GLY A 145 4.75 24.69 16.78
C GLY A 145 5.71 25.67 16.12
N ASP A 146 6.49 25.17 15.16
CA ASP A 146 7.43 26.01 14.40
C ASP A 146 6.69 27.11 13.66
N ASN A 147 5.44 26.87 13.33
CA ASN A 147 4.66 27.85 12.56
C ASN A 147 3.61 28.58 13.39
N GLY A 148 3.82 28.56 14.71
CA GLY A 148 3.00 29.32 15.64
C GLY A 148 1.55 28.84 15.75
N ILE A 149 1.32 27.58 15.41
CA ILE A 149 -0.03 27.02 15.49
C ILE A 149 -0.16 26.18 16.76
N LYS A 150 -1.07 26.59 17.65
CA LYS A 150 -1.12 26.03 19.00
C LYS A 150 -2.19 24.95 19.20
N THR A 151 -2.82 24.54 18.10
CA THR A 151 -3.88 23.52 18.15
C THR A 151 -3.39 22.25 18.85
N PRO A 152 -4.22 21.70 19.76
CA PRO A 152 -3.84 20.50 20.50
C PRO A 152 -3.50 19.33 19.56
N VAL A 153 -2.39 18.66 19.84
CA VAL A 153 -2.02 17.47 19.07
C VAL A 153 -1.89 16.28 19.99
N VAL A 154 -2.53 15.17 19.60
CA VAL A 154 -2.33 13.90 20.31
CA VAL A 154 -2.32 13.90 20.30
C VAL A 154 -1.58 12.93 19.40
N ASN A 155 -0.53 12.30 19.92
CA ASN A 155 0.24 11.35 19.14
C ASN A 155 -0.24 9.92 19.37
N ILE A 156 -0.52 9.20 18.28
CA ILE A 156 -0.87 7.79 18.41
C ILE A 156 0.09 7.01 17.51
N PRO A 157 1.28 6.72 18.04
CA PRO A 157 2.34 6.19 17.17
C PRO A 157 2.28 4.68 16.99
N GLY A 158 3.32 4.17 16.35
CA GLY A 158 3.33 2.79 15.88
C GLY A 158 3.52 2.84 14.39
N CYS A 159 4.09 1.77 13.84
CA CYS A 159 4.38 1.73 12.42
C CYS A 159 3.99 0.36 11.86
N PRO A 160 2.68 0.13 11.67
CA PRO A 160 1.58 1.04 11.98
C PRO A 160 1.14 0.89 13.44
N PRO A 161 0.31 1.84 13.92
CA PRO A 161 -0.32 1.64 15.22
C PRO A 161 -1.26 0.45 15.16
N HIS A 162 -1.56 -0.15 16.31
CA HIS A 162 -2.62 -1.14 16.39
C HIS A 162 -3.93 -0.38 16.21
N PRO A 163 -4.93 -0.96 15.51
CA PRO A 163 -6.20 -0.22 15.38
C PRO A 163 -6.84 0.14 16.72
N ASP A 164 -6.60 -0.68 17.74
CA ASP A 164 -7.16 -0.43 19.06
C ASP A 164 -6.62 0.85 19.67
N TRP A 165 -5.41 1.25 19.29
CA TRP A 165 -4.81 2.46 19.84
C TRP A 165 -5.48 3.70 19.24
N ILE A 166 -5.83 3.61 17.96
CA ILE A 166 -6.49 4.73 17.28
C ILE A 166 -7.93 4.84 17.76
N VAL A 167 -8.68 3.74 17.70
CA VAL A 167 -10.08 3.75 18.12
C VAL A 167 -10.19 4.05 19.60
N GLY A 168 -9.32 3.44 20.40
CA GLY A 168 -9.35 3.63 21.84
C GLY A 168 -9.04 5.07 22.26
N THR A 169 -8.19 5.75 21.50
CA THR A 169 -7.91 7.16 21.77
C THR A 169 -9.13 8.01 21.45
N VAL A 170 -9.79 7.70 20.33
CA VAL A 170 -11.04 8.37 19.99
C VAL A 170 -12.10 8.17 21.07
N VAL A 171 -12.20 6.95 21.60
CA VAL A 171 -13.15 6.64 22.66
C VAL A 171 -12.85 7.44 23.94
N LEU A 172 -11.56 7.53 24.28
CA LEU A 172 -11.12 8.32 25.43
C LEU A 172 -11.54 9.77 25.27
N ALA A 173 -11.32 10.31 24.08
CA ALA A 173 -11.69 11.69 23.79
C ALA A 173 -13.21 11.85 23.90
N LEU A 174 -13.93 10.90 23.30
CA LEU A 174 -15.39 10.92 23.30
C LEU A 174 -15.97 11.04 24.70
N ASP A 175 -15.52 10.16 25.59
CA ASP A 175 -15.98 10.18 26.97
C ASP A 175 -15.63 11.50 27.66
N ALA A 176 -14.38 11.93 27.51
CA ALA A 176 -13.91 13.17 28.11
C ALA A 176 -14.70 14.39 27.63
N ILE A 177 -14.97 14.46 26.33
CA ILE A 177 -15.70 15.60 25.76
C ILE A 177 -17.18 15.58 26.17
N LYS A 178 -17.73 14.38 26.30
CA LYS A 178 -19.11 14.26 26.78
C LYS A 178 -19.22 14.76 28.22
N LYS A 179 -18.21 14.46 29.04
CA LYS A 179 -18.27 14.80 30.46
C LYS A 179 -17.86 16.24 30.79
N ASN A 180 -17.07 16.86 29.92
CA ASN A 180 -16.56 18.19 30.24
C ASN A 180 -16.66 19.22 29.12
N GLY A 181 -17.28 18.85 28.01
CA GLY A 181 -17.37 19.75 26.87
C GLY A 181 -16.10 19.70 26.04
N LEU A 182 -16.08 20.40 24.91
CA LEU A 182 -14.96 20.32 23.97
C LEU A 182 -13.64 20.76 24.60
N GLU A 183 -13.59 22.01 25.04
CA GLU A 183 -12.40 22.58 25.67
C GLU A 183 -11.96 21.81 26.92
N GLY A 184 -12.89 21.63 27.85
CA GLY A 184 -12.62 20.92 29.09
C GLY A 184 -12.21 19.47 28.85
N GLY A 185 -12.84 18.84 27.86
CA GLY A 185 -12.55 17.46 27.53
C GLY A 185 -11.14 17.27 27.03
N LEU A 186 -10.71 18.12 26.09
CA LEU A 186 -9.36 18.04 25.55
C LEU A 186 -8.35 18.26 26.67
N ALA A 187 -8.68 19.12 27.62
CA ALA A 187 -7.83 19.36 28.77
C ALA A 187 -7.65 18.10 29.61
N GLU A 188 -8.71 17.31 29.70
CA GLU A 188 -8.66 16.05 30.44
C GLU A 188 -7.82 15.01 29.70
N VAL A 189 -7.89 15.01 28.38
CA VAL A 189 -7.10 14.07 27.58
C VAL A 189 -5.59 14.36 27.73
N VAL A 190 -5.23 15.64 27.78
CA VAL A 190 -3.85 16.07 28.00
C VAL A 190 -3.24 15.44 29.26
N LYS A 191 -4.05 15.33 30.31
CA LYS A 191 -3.61 14.74 31.58
C LYS A 191 -3.07 13.32 31.45
N VAL A 192 -3.64 12.53 30.54
CA VAL A 192 -3.22 11.13 30.41
C VAL A 192 -2.25 10.89 29.25
N LEU A 193 -1.58 11.93 28.78
CA LEU A 193 -0.55 11.77 27.77
C LEU A 193 0.83 11.73 28.42
N ASP A 194 1.70 10.87 27.92
CA ASP A 194 3.06 10.84 28.44
C ASP A 194 3.84 12.00 27.84
N SER A 195 5.14 12.06 28.14
CA SER A 195 5.95 13.19 27.67
C SER A 195 6.15 13.18 26.16
N ASP A 196 5.80 12.08 25.51
CA ASP A 196 5.89 12.00 24.06
C ASP A 196 4.53 12.14 23.38
N GLY A 197 3.56 12.65 24.13
CA GLY A 197 2.24 12.95 23.62
C GLY A 197 1.35 11.74 23.40
N ARG A 198 1.74 10.59 23.96
CA ARG A 198 1.02 9.32 23.76
C ARG A 198 0.10 9.00 24.93
N PRO A 199 -1.11 8.48 24.63
CA PRO A 199 -2.05 8.15 25.71
C PRO A 199 -1.52 6.98 26.54
N THR A 200 -1.38 7.21 27.83
CA THR A 200 -0.90 6.17 28.73
C THR A 200 -1.69 4.85 28.80
N PRO A 201 -3.01 4.86 28.55
CA PRO A 201 -3.69 3.55 28.53
C PRO A 201 -3.08 2.55 27.55
N PHE A 202 -2.47 3.02 26.47
CA PHE A 202 -1.92 2.10 25.47
C PHE A 202 -0.40 2.09 25.44
N PHE A 203 0.21 3.19 25.89
CA PHE A 203 1.66 3.32 25.78
C PHE A 203 2.32 3.48 27.15
N GLY A 204 1.56 3.24 28.21
CA GLY A 204 2.05 3.45 29.57
C GLY A 204 2.83 2.30 30.18
N ARG A 205 2.85 1.16 29.49
CA ARG A 205 3.55 -0.02 29.98
C ARG A 205 4.65 -0.47 29.02
N ASN A 206 5.76 -0.93 29.59
CA ASN A 206 6.90 -1.44 28.84
C ASN A 206 6.67 -2.87 28.36
N ILE A 207 7.06 -3.18 27.13
CA ILE A 207 6.86 -4.51 26.56
C ILE A 207 7.63 -5.56 27.34
N HIS A 208 8.92 -5.30 27.52
CA HIS A 208 9.85 -6.24 28.17
C HIS A 208 9.42 -6.61 29.58
N GLU A 209 9.03 -5.61 30.36
CA GLU A 209 8.61 -5.85 31.74
C GLU A 209 7.41 -6.78 31.82
N ASN A 210 6.63 -6.82 30.75
CA ASN A 210 5.43 -7.64 30.70
C ASN A 210 5.53 -8.80 29.72
N CYS A 211 6.74 -9.13 29.29
CA CYS A 211 6.92 -10.13 28.22
C CYS A 211 6.81 -11.53 28.79
N PRO A 212 6.14 -12.43 28.07
CA PRO A 212 6.07 -13.83 28.52
C PRO A 212 7.42 -14.55 28.51
N TYR A 213 8.43 -13.94 27.90
CA TYR A 213 9.76 -14.56 27.83
C TYR A 213 10.75 -13.96 28.81
N LEU A 214 10.25 -13.09 29.69
CA LEU A 214 11.11 -12.40 30.65
C LEU A 214 11.86 -13.37 31.56
N ASP A 215 11.20 -14.47 31.93
CA ASP A 215 11.86 -15.49 32.74
C ASP A 215 13.09 -16.06 32.03
N LYS A 216 12.99 -16.26 30.72
CA LYS A 216 14.12 -16.74 29.92
C LYS A 216 15.23 -15.69 29.83
N TYR A 217 14.85 -14.43 29.62
CA TYR A 217 15.77 -13.31 29.63
C TYR A 217 16.56 -13.32 30.94
N ASP A 218 15.84 -13.44 32.05
CA ASP A 218 16.47 -13.45 33.37
C ASP A 218 17.39 -14.65 33.57
N GLU A 219 17.00 -15.79 33.00
CA GLU A 219 17.81 -17.00 33.10
C GLU A 219 18.99 -17.00 32.12
N GLY A 220 18.99 -16.03 31.20
CA GLY A 220 20.04 -15.96 30.20
C GLY A 220 19.91 -17.03 29.14
N VAL A 221 18.68 -17.45 28.88
CA VAL A 221 18.40 -18.45 27.85
C VAL A 221 17.95 -17.72 26.60
N MET A 222 18.84 -17.62 25.61
CA MET A 222 18.59 -16.85 24.38
C MET A 222 18.42 -17.73 23.15
N SER A 223 17.38 -17.48 22.35
CA SER A 223 17.26 -18.16 21.07
C SER A 223 18.38 -17.74 20.11
N ALA A 224 18.95 -18.70 19.38
CA ALA A 224 20.00 -18.40 18.41
C ALA A 224 19.47 -18.44 16.98
N THR A 225 18.25 -18.96 16.82
CA THR A 225 17.56 -18.91 15.54
C THR A 225 16.16 -18.41 15.79
N PHE A 226 15.60 -17.66 14.83
CA PHE A 226 14.26 -17.11 14.98
C PHE A 226 13.21 -18.17 15.31
N THR A 227 13.36 -19.36 14.72
CA THR A 227 12.33 -20.39 14.84
C THR A 227 12.39 -21.16 16.16
N ASP A 228 13.35 -20.81 17.02
CA ASP A 228 13.38 -21.32 18.40
C ASP A 228 12.51 -20.41 19.25
N LYS A 229 11.33 -20.89 19.60
CA LYS A 229 10.36 -20.05 20.31
C LYS A 229 10.45 -20.18 21.83
N VAL A 230 11.41 -20.96 22.31
CA VAL A 230 11.54 -21.18 23.75
C VAL A 230 12.31 -20.04 24.43
N GLY A 231 13.39 -19.61 23.80
CA GLY A 231 14.29 -18.65 24.44
C GLY A 231 13.88 -17.21 24.25
N CYS A 232 14.52 -16.32 25.01
CA CYS A 232 14.35 -14.88 24.84
C CYS A 232 14.92 -14.46 23.48
N ARG A 233 14.33 -13.42 22.89
CA ARG A 233 14.71 -12.92 21.56
C ARG A 233 15.75 -11.77 21.59
N TYR A 234 16.26 -11.46 22.78
CA TYR A 234 17.21 -10.35 22.94
C TYR A 234 18.43 -10.39 22.01
N ASP A 235 19.09 -11.55 21.92
CA ASP A 235 20.24 -11.69 21.04
C ASP A 235 19.88 -11.54 19.56
N LEU A 236 18.64 -11.90 19.20
CA LEU A 236 18.15 -11.74 17.85
C LEU A 236 17.78 -10.29 17.52
N GLY A 237 17.86 -9.41 18.51
CA GLY A 237 17.68 -7.99 18.27
C GLY A 237 16.44 -7.36 18.87
N CYS A 238 15.70 -8.13 19.67
CA CYS A 238 14.45 -7.63 20.27
C CYS A 238 14.65 -6.31 21.04
N LYS A 239 13.84 -5.31 20.70
CA LYS A 239 13.91 -4.00 21.36
C LYS A 239 12.81 -3.77 22.39
N GLY A 240 12.09 -4.83 22.76
CA GLY A 240 11.15 -4.76 23.87
C GLY A 240 11.60 -3.99 25.11
N PRO A 241 12.88 -4.13 25.53
CA PRO A 241 13.34 -3.39 26.71
C PRO A 241 13.21 -1.87 26.63
N MET A 242 13.21 -1.31 25.43
CA MET A 242 13.16 0.14 25.25
C MET A 242 11.86 0.60 24.63
N THR A 243 10.83 -0.23 24.70
CA THR A 243 9.60 0.02 23.95
C THR A 243 8.35 0.05 24.82
N MET A 244 7.53 1.09 24.63
CA MET A 244 6.34 1.30 25.46
C MET A 244 5.05 1.08 24.67
N ALA A 245 4.50 -0.13 24.75
CA ALA A 245 3.29 -0.48 24.02
C ALA A 245 2.66 -1.69 24.67
N ASP A 246 1.38 -1.95 24.39
CA ASP A 246 0.69 -3.05 25.06
C ASP A 246 0.47 -4.30 24.20
N CYS A 247 1.32 -4.48 23.18
CA CYS A 247 1.18 -5.58 22.22
C CYS A 247 1.24 -6.95 22.85
N PHE A 248 1.98 -7.06 23.96
CA PHE A 248 2.07 -8.32 24.70
C PHE A 248 0.68 -8.80 25.14
N GLU A 249 -0.24 -7.85 25.30
CA GLU A 249 -1.57 -8.14 25.82
C GLU A 249 -2.62 -8.29 24.70
N ARG A 250 -2.85 -7.23 23.93
CA ARG A 250 -3.88 -7.30 22.90
C ARG A 250 -3.41 -8.04 21.66
N LYS A 251 -2.10 -8.15 21.50
CA LYS A 251 -1.51 -8.77 20.31
C LYS A 251 -2.01 -8.14 19.01
N TRP A 252 -1.91 -8.86 17.89
CA TRP A 252 -2.18 -8.25 16.58
C TRP A 252 -3.16 -9.04 15.72
N ASN A 253 -3.86 -8.30 14.86
CA ASN A 253 -4.75 -8.89 13.85
C ASN A 253 -5.69 -9.95 14.42
N GLY A 254 -6.59 -9.53 15.30
CA GLY A 254 -7.55 -10.43 15.89
C GLY A 254 -6.92 -11.39 16.88
N GLY A 255 -5.76 -10.99 17.42
CA GLY A 255 -5.06 -11.77 18.43
C GLY A 255 -4.30 -13.00 17.93
N VAL A 256 -4.11 -13.10 16.62
CA VAL A 256 -3.48 -14.30 16.05
C VAL A 256 -1.96 -14.38 16.20
N ASN A 257 -1.31 -13.26 16.49
CA ASN A 257 0.14 -13.24 16.63
C ASN A 257 0.58 -11.88 17.15
N TRP A 258 1.87 -11.76 17.47
CA TRP A 258 2.47 -10.46 17.73
C TRP A 258 3.97 -10.55 17.48
N CYS A 259 4.64 -9.41 17.43
CA CYS A 259 6.00 -9.34 16.89
C CYS A 259 6.99 -10.18 17.67
N VAL A 260 6.88 -10.16 19.00
CA VAL A 260 7.84 -10.91 19.82
C VAL A 260 7.66 -12.42 19.66
N GLN A 261 6.43 -12.88 19.54
CA GLN A 261 6.21 -14.30 19.36
C GLN A 261 6.75 -14.75 18.01
N ASN A 262 6.53 -13.92 16.99
CA ASN A 262 6.82 -14.31 15.62
C ASN A 262 8.28 -14.11 15.24
N ALA A 263 8.87 -13.04 15.76
CA ALA A 263 10.25 -12.67 15.42
C ALA A 263 10.84 -11.83 16.55
N VAL A 264 10.99 -10.53 16.33
CA VAL A 264 11.44 -9.60 17.39
C VAL A 264 10.59 -8.33 17.40
N CYS A 265 10.58 -7.61 18.52
CA CYS A 265 10.06 -6.24 18.55
C CYS A 265 11.09 -5.27 17.95
N ILE A 266 10.65 -4.35 17.10
CA ILE A 266 11.56 -3.37 16.50
C ILE A 266 11.37 -1.94 17.06
N GLY A 267 10.56 -1.82 18.13
CA GLY A 267 10.40 -0.54 18.81
C GLY A 267 9.64 0.51 18.01
N CYS A 268 8.65 0.05 17.25
CA CYS A 268 8.02 0.89 16.22
C CYS A 268 7.21 2.08 16.74
N VAL A 269 6.86 2.07 18.03
CA VAL A 269 6.10 3.16 18.66
C VAL A 269 6.99 4.25 19.27
N GLU A 270 8.30 4.06 19.22
CA GLU A 270 9.23 4.95 19.92
C GLU A 270 9.68 6.13 19.06
N PRO A 271 9.89 7.29 19.69
CA PRO A 271 10.30 8.51 18.98
C PRO A 271 11.59 8.37 18.16
N ASP A 272 12.47 7.44 18.52
CA ASP A 272 13.72 7.26 17.78
C ASP A 272 13.64 6.19 16.69
N PHE A 273 12.44 5.66 16.44
CA PHE A 273 12.27 4.69 15.36
C PHE A 273 12.37 5.38 14.00
N PRO A 274 13.20 4.85 13.08
CA PRO A 274 13.91 3.56 13.19
C PRO A 274 15.36 3.64 13.67
N ASP A 275 16.03 4.79 13.52
CA ASP A 275 17.48 4.83 13.69
C ASP A 275 17.96 4.40 15.07
N GLY A 276 17.23 4.77 16.11
CA GLY A 276 17.60 4.45 17.47
C GLY A 276 17.27 3.02 17.86
N LYS A 277 16.60 2.30 16.97
CA LYS A 277 16.22 0.91 17.22
C LYS A 277 16.95 -0.03 16.26
N SER A 278 17.83 0.55 15.44
CA SER A 278 18.58 -0.19 14.41
C SER A 278 20.05 -0.35 14.82
N PRO A 279 20.72 -1.42 14.37
CA PRO A 279 20.23 -2.56 13.56
C PRO A 279 19.14 -3.35 14.26
N PHE A 280 18.15 -3.77 13.50
CA PHE A 280 17.02 -4.49 14.08
C PHE A 280 17.39 -5.89 14.57
N TYR A 281 18.41 -6.50 13.98
CA TYR A 281 18.66 -7.91 14.20
C TYR A 281 19.93 -8.22 14.98
N GLN A 282 20.34 -7.26 15.81
CA GLN A 282 21.29 -7.52 16.88
C GLN A 282 21.01 -6.56 18.03
N ALA A 283 21.48 -6.91 19.22
CA ALA A 283 21.14 -6.14 20.41
C ALA A 283 21.74 -4.75 20.32
N GLY B 4 -11.20 24.85 -28.85
CA GLY B 4 -11.85 23.56 -28.75
C GLY B 4 -11.37 22.74 -27.56
N ARG B 5 -10.07 22.49 -27.51
CA ARG B 5 -9.43 21.68 -26.48
C ARG B 5 -9.65 22.20 -25.06
N THR B 6 -9.87 21.26 -24.13
CA THR B 6 -10.02 21.59 -22.72
C THR B 6 -9.02 20.77 -21.91
N THR B 7 -8.28 21.44 -21.03
CA THR B 7 -7.38 20.73 -20.12
C THR B 7 -8.03 20.56 -18.75
N ILE B 8 -8.08 19.32 -18.30
CA ILE B 8 -8.65 18.99 -17.00
C ILE B 8 -7.56 18.46 -16.08
N ALA B 9 -7.42 19.08 -14.91
CA ALA B 9 -6.47 18.63 -13.89
C ALA B 9 -7.22 17.99 -12.73
N ILE B 10 -6.74 16.85 -12.26
CA ILE B 10 -7.37 16.16 -11.15
C ILE B 10 -6.30 15.86 -10.10
N ASP B 11 -6.32 16.61 -9.02
CA ASP B 11 -5.38 16.42 -7.92
C ASP B 11 -6.11 16.76 -6.62
N PRO B 12 -6.31 15.77 -5.73
CA PRO B 12 -5.83 14.38 -5.84
C PRO B 12 -6.76 13.44 -6.60
N VAL B 13 -6.18 12.53 -7.35
CA VAL B 13 -6.92 11.35 -7.80
C VAL B 13 -7.17 10.48 -6.57
N THR B 14 -8.44 10.22 -6.27
CA THR B 14 -8.79 9.53 -5.03
C THR B 14 -9.15 8.08 -5.33
N ARG B 15 -9.35 7.31 -4.27
CA ARG B 15 -9.63 5.87 -4.39
C ARG B 15 -8.55 5.16 -5.20
N ILE B 16 -7.30 5.55 -4.89
CA ILE B 16 -6.09 4.87 -5.30
C ILE B 16 -5.23 4.97 -4.04
N GLU B 17 -4.04 4.38 -4.04
CA GLU B 17 -3.10 4.66 -2.96
C GLU B 17 -2.17 5.78 -3.38
N GLY B 18 -1.94 6.72 -2.47
CA GLY B 18 -0.87 7.69 -2.63
C GLY B 18 -1.28 8.94 -3.38
N HIS B 19 -0.27 9.75 -3.70
CA HIS B 19 -0.47 11.08 -4.22
C HIS B 19 -0.26 11.10 -5.73
N LEU B 20 -1.36 11.32 -6.45
CA LEU B 20 -1.35 11.38 -7.91
C LEU B 20 -2.16 12.55 -8.43
N LYS B 21 -1.57 13.26 -9.40
CA LYS B 21 -2.32 14.23 -10.19
C LYS B 21 -2.40 13.71 -11.63
N ALA B 22 -3.58 13.76 -12.22
CA ALA B 22 -3.75 13.46 -13.64
C ALA B 22 -4.12 14.74 -14.36
N GLU B 23 -3.49 14.97 -15.51
CA GLU B 23 -3.87 16.11 -16.33
C GLU B 23 -4.13 15.60 -17.74
N VAL B 24 -5.34 15.81 -18.24
CA VAL B 24 -5.68 15.36 -19.57
C VAL B 24 -6.14 16.52 -20.42
N VAL B 25 -5.94 16.39 -21.73
CA VAL B 25 -6.50 17.32 -22.69
C VAL B 25 -7.63 16.60 -23.42
N VAL B 26 -8.79 17.24 -23.51
CA VAL B 26 -9.98 16.65 -24.12
C VAL B 26 -10.32 17.42 -25.38
N GLU B 27 -10.55 16.70 -26.46
CA GLU B 27 -10.98 17.30 -27.72
C GLU B 27 -12.04 16.42 -28.36
N ASN B 28 -13.16 17.02 -28.76
CA ASN B 28 -14.25 16.26 -29.40
C ASN B 28 -14.69 15.04 -28.58
N GLY B 29 -14.79 15.21 -27.27
CA GLY B 29 -15.35 14.18 -26.40
C GLY B 29 -14.42 13.03 -26.05
N LYS B 30 -13.13 13.17 -26.37
CA LYS B 30 -12.17 12.12 -26.05
C LYS B 30 -10.86 12.70 -25.53
N VAL B 31 -10.20 11.97 -24.66
CA VAL B 31 -8.85 12.35 -24.22
C VAL B 31 -7.88 12.23 -25.40
N VAL B 32 -7.14 13.30 -25.67
CA VAL B 32 -6.13 13.27 -26.72
C VAL B 32 -4.70 13.45 -26.20
N ASP B 33 -4.56 13.76 -24.92
CA ASP B 33 -3.23 13.78 -24.30
C ASP B 33 -3.34 13.63 -22.80
N ALA B 34 -2.28 13.18 -22.16
CA ALA B 34 -2.31 12.92 -20.73
C ALA B 34 -0.92 13.04 -20.10
N ARG B 35 -0.89 13.46 -18.84
CA ARG B 35 0.32 13.50 -18.03
C ARG B 35 -0.06 13.03 -16.64
N LEU B 36 0.72 12.11 -16.08
CA LEU B 36 0.54 11.66 -14.70
C LEU B 36 1.70 12.17 -13.83
N SER B 37 1.33 12.75 -12.69
CA SER B 37 2.32 13.32 -11.75
CA SER B 37 2.32 13.31 -11.76
C SER B 37 2.24 12.66 -10.38
N GLY B 38 3.33 12.00 -9.98
CA GLY B 38 3.45 11.48 -8.62
C GLY B 38 4.02 12.61 -7.75
N GLY B 39 3.21 13.12 -6.83
CA GLY B 39 3.56 14.34 -6.14
C GLY B 39 4.17 14.22 -4.76
N MET B 40 4.49 13.01 -4.34
CA MET B 40 5.11 12.83 -3.01
C MET B 40 6.33 11.93 -3.10
N TYR B 41 7.40 12.34 -2.44
CA TYR B 41 8.67 11.62 -2.45
C TYR B 41 9.22 11.44 -1.04
N ARG B 42 9.76 10.26 -0.76
CA ARG B 42 10.41 9.98 0.51
C ARG B 42 11.88 9.62 0.36
N GLY B 43 12.24 8.86 -0.67
CA GLY B 43 13.65 8.59 -0.94
C GLY B 43 14.22 7.41 -0.18
N PHE B 44 13.48 6.31 -0.18
CA PHE B 44 13.93 5.09 0.50
C PHE B 44 15.31 4.61 0.05
N GLU B 45 15.61 4.82 -1.23
CA GLU B 45 16.90 4.37 -1.78
C GLU B 45 18.11 5.09 -1.16
N THR B 46 17.92 6.31 -0.67
CA THR B 46 19.03 6.97 0.02
C THR B 46 18.96 6.73 1.53
N ILE B 47 17.75 6.64 2.08
CA ILE B 47 17.58 6.34 3.50
C ILE B 47 18.23 5.00 3.85
N LEU B 48 18.14 4.02 2.94
CA LEU B 48 18.69 2.68 3.18
C LEU B 48 20.23 2.63 3.29
N ARG B 49 20.91 3.57 2.64
CA ARG B 49 22.37 3.52 2.60
C ARG B 49 23.02 3.53 3.99
N GLY B 50 24.06 2.72 4.15
CA GLY B 50 24.83 2.68 5.39
C GLY B 50 24.28 1.76 6.46
N ARG B 51 23.12 1.15 6.21
CA ARG B 51 22.49 0.28 7.21
C ARG B 51 22.97 -1.16 7.12
N ASP B 52 22.86 -1.89 8.23
CA ASP B 52 22.94 -3.34 8.24
C ASP B 52 21.97 -3.85 7.16
N PRO B 53 22.45 -4.66 6.20
CA PRO B 53 21.54 -5.02 5.10
C PRO B 53 20.27 -5.75 5.56
N ARG B 54 20.35 -6.43 6.70
CA ARG B 54 19.19 -7.17 7.20
C ARG B 54 18.05 -6.23 7.56
N ASP B 55 18.39 -4.98 7.87
CA ASP B 55 17.36 -3.99 8.19
C ASP B 55 16.45 -3.70 7.00
N ALA B 56 16.92 -3.94 5.77
CA ALA B 56 16.16 -3.57 4.59
C ALA B 56 14.78 -4.23 4.58
N SER B 57 14.72 -5.50 4.99
CA SER B 57 13.46 -6.23 4.90
C SER B 57 12.39 -5.70 5.87
N GLN B 58 12.79 -4.85 6.80
CA GLN B 58 11.82 -4.07 7.59
C GLN B 58 11.59 -2.67 7.00
N ILE B 59 12.68 -1.94 6.74
CA ILE B 59 12.57 -0.58 6.21
C ILE B 59 11.76 -0.50 4.92
N VAL B 60 12.01 -1.41 3.98
CA VAL B 60 11.35 -1.29 2.66
C VAL B 60 9.85 -1.49 2.70
N GLN B 61 9.35 -2.17 3.73
CA GLN B 61 7.90 -2.39 3.77
C GLN B 61 7.14 -1.10 3.95
N ARG B 62 7.80 -0.09 4.53
CA ARG B 62 7.15 1.18 4.81
C ARG B 62 7.02 2.04 3.57
N ILE B 63 7.50 1.53 2.44
CA ILE B 63 7.18 2.10 1.15
C ILE B 63 5.66 2.12 0.98
N GLY B 65 1.87 0.46 2.93
CA GLY B 65 1.19 -0.40 3.87
C GLY B 65 0.05 -1.22 3.27
N VAL B 66 -0.18 -1.08 1.96
CA VAL B 66 -1.15 -1.92 1.27
C VAL B 66 -0.47 -3.17 0.72
N CYS B 67 0.74 -2.98 0.18
CA CYS B 67 1.50 -4.08 -0.40
C CYS B 67 2.85 -4.34 0.29
N PRO B 68 2.90 -4.28 1.64
CA PRO B 68 4.25 -4.38 2.20
C PRO B 68 4.88 -5.77 2.07
N THR B 69 4.06 -6.81 2.02
CA THR B 69 4.59 -8.17 1.85
C THR B 69 5.33 -8.31 0.52
N ALA B 70 4.93 -7.56 -0.50
CA ALA B 70 5.65 -7.61 -1.78
C ALA B 70 7.09 -7.11 -1.63
N HIS B 71 7.24 -5.93 -1.03
CA HIS B 71 8.56 -5.38 -0.77
C HIS B 71 9.38 -6.25 0.18
N SER B 72 8.73 -6.75 1.21
CA SER B 72 9.38 -7.70 2.11
C SER B 72 9.96 -8.86 1.30
N THR B 73 9.13 -9.42 0.41
CA THR B 73 9.53 -10.56 -0.40
C THR B 73 10.70 -10.23 -1.34
N ALA B 74 10.59 -9.13 -2.08
CA ALA B 74 11.66 -8.72 -2.99
C ALA B 74 12.97 -8.50 -2.22
N SER B 75 12.85 -7.85 -1.07
CA SER B 75 14.00 -7.56 -0.23
C SER B 75 14.69 -8.82 0.29
N VAL B 76 13.93 -9.75 0.89
CA VAL B 76 14.55 -10.96 1.42
C VAL B 76 15.11 -11.85 0.30
N LEU B 77 14.48 -11.85 -0.88
CA LEU B 77 15.05 -12.55 -2.03
C LEU B 77 16.41 -11.96 -2.46
N ALA B 78 16.50 -10.63 -2.48
CA ALA B 78 17.77 -9.97 -2.76
C ALA B 78 18.80 -10.31 -1.69
N LEU B 79 18.36 -10.29 -0.44
CA LEU B 79 19.27 -10.60 0.66
C LEU B 79 19.72 -12.08 0.62
N ASP B 80 18.79 -12.98 0.31
CA ASP B 80 19.10 -14.40 0.17
C ASP B 80 20.28 -14.58 -0.79
N GLU B 81 20.20 -13.95 -1.96
CA GLU B 81 21.28 -14.03 -2.94
C GLU B 81 22.57 -13.40 -2.41
N ALA B 82 22.48 -12.16 -1.93
CA ALA B 82 23.67 -11.48 -1.44
C ALA B 82 24.33 -12.20 -0.27
N PHE B 83 23.54 -12.91 0.54
CA PHE B 83 24.09 -13.56 1.74
C PHE B 83 24.47 -15.02 1.47
N GLY B 84 24.09 -15.54 0.30
CA GLY B 84 24.32 -16.93 -0.03
C GLY B 84 23.45 -17.88 0.78
N ALA B 85 22.29 -17.40 1.20
CA ALA B 85 21.43 -18.20 2.09
C ALA B 85 20.52 -19.12 1.29
N LYS B 86 20.47 -20.39 1.68
CA LYS B 86 19.55 -21.34 1.05
C LYS B 86 18.30 -21.50 1.92
N VAL B 87 17.21 -20.89 1.49
CA VAL B 87 15.94 -20.99 2.20
C VAL B 87 15.46 -22.44 2.24
N PRO B 88 15.18 -22.97 3.44
CA PRO B 88 14.66 -24.34 3.54
C PRO B 88 13.32 -24.47 2.80
N ASN B 89 13.08 -25.64 2.21
CA ASN B 89 11.81 -25.93 1.52
C ASN B 89 10.56 -25.44 2.27
N ASN B 90 10.50 -25.73 3.56
CA ASN B 90 9.32 -25.35 4.34
C ASN B 90 9.19 -23.84 4.53
N GLY B 91 10.32 -23.14 4.53
CA GLY B 91 10.31 -21.69 4.60
C GLY B 91 9.85 -21.04 3.31
N ARG B 92 10.24 -21.63 2.18
CA ARG B 92 9.77 -21.16 0.88
C ARG B 92 8.25 -21.22 0.83
N ILE B 93 7.69 -22.34 1.26
CA ILE B 93 6.25 -22.50 1.28
C ILE B 93 5.59 -21.54 2.25
N THR B 94 6.19 -21.35 3.41
CA THR B 94 5.64 -20.43 4.42
C THR B 94 5.60 -19.00 3.88
N ARG B 95 6.66 -18.58 3.21
CA ARG B 95 6.69 -17.28 2.56
C ARG B 95 5.52 -17.15 1.57
N ASN B 96 5.29 -18.20 0.78
CA ASN B 96 4.19 -18.17 -0.19
C ASN B 96 2.85 -18.00 0.50
N LEU B 97 2.67 -18.64 1.65
CA LEU B 97 1.41 -18.51 2.39
C LEU B 97 1.21 -17.12 2.99
N ILE B 98 2.30 -16.51 3.47
CA ILE B 98 2.23 -15.17 4.03
C ILE B 98 1.84 -14.16 2.93
N PHE B 99 2.58 -14.22 1.83
CA PHE B 99 2.46 -13.28 0.72
C PHE B 99 1.16 -13.52 -0.06
N GLY B 100 0.84 -14.78 -0.33
CA GLY B 100 -0.37 -15.12 -1.09
C GLY B 100 -1.64 -14.58 -0.44
N ALA B 101 -1.70 -14.63 0.89
CA ALA B 101 -2.85 -14.11 1.63
C ALA B 101 -3.06 -12.62 1.36
N ASN B 102 -1.97 -11.87 1.18
CA ASN B 102 -2.12 -10.45 0.88
C ASN B 102 -2.53 -10.14 -0.56
N TYR B 103 -2.27 -11.05 -1.50
CA TYR B 103 -2.85 -10.90 -2.83
C TYR B 103 -4.37 -10.86 -2.69
N LEU B 104 -4.92 -11.79 -1.93
CA LEU B 104 -6.37 -11.81 -1.71
C LEU B 104 -6.85 -10.50 -1.08
N GLN B 105 -6.15 -10.06 -0.03
CA GLN B 105 -6.50 -8.82 0.66
C GLN B 105 -6.50 -7.63 -0.30
N SER B 106 -5.42 -7.52 -1.08
CA SER B 106 -5.18 -6.36 -1.92
C SER B 106 -6.18 -6.26 -3.09
N HIS B 107 -6.41 -7.38 -3.77
CA HIS B 107 -7.39 -7.38 -4.87
C HIS B 107 -8.81 -7.08 -4.36
N ILE B 108 -9.17 -7.66 -3.22
CA ILE B 108 -10.50 -7.43 -2.66
C ILE B 108 -10.66 -5.96 -2.23
N LEU B 109 -9.66 -5.44 -1.51
CA LEU B 109 -9.60 -4.01 -1.20
C LEU B 109 -9.71 -3.17 -2.47
N HIS B 110 -8.91 -3.49 -3.48
CA HIS B 110 -8.95 -2.70 -4.68
C HIS B 110 -10.32 -2.70 -5.34
N PHE B 111 -10.91 -3.87 -5.58
CA PHE B 111 -12.16 -3.81 -6.33
C PHE B 111 -13.29 -3.13 -5.53
N TYR B 112 -13.46 -3.53 -4.29
CA TYR B 112 -14.59 -3.03 -3.51
C TYR B 112 -14.37 -1.64 -2.91
N HIS B 113 -13.28 -1.45 -2.19
CA HIS B 113 -13.13 -0.25 -1.39
C HIS B 113 -12.53 0.93 -2.16
N LEU B 114 -11.83 0.62 -3.25
CA LEU B 114 -11.30 1.66 -4.13
C LEU B 114 -12.16 1.80 -5.39
N SER B 115 -12.37 0.71 -6.12
CA SER B 115 -12.99 0.83 -7.44
C SER B 115 -14.52 0.82 -7.49
N ALA B 116 -15.17 0.15 -6.54
CA ALA B 116 -16.60 -0.15 -6.73
C ALA B 116 -17.48 1.10 -6.85
N GLN B 117 -17.12 2.16 -6.12
CA GLN B 117 -17.88 3.40 -6.24
C GLN B 117 -17.83 4.02 -7.63
N ASP B 118 -16.93 3.53 -8.49
CA ASP B 118 -16.90 3.94 -9.89
C ASP B 118 -18.19 3.49 -10.59
N PHE B 119 -18.82 2.45 -10.05
CA PHE B 119 -19.97 1.84 -10.71
C PHE B 119 -21.21 1.77 -9.81
N VAL B 120 -20.97 1.86 -8.51
CA VAL B 120 -22.02 1.66 -7.52
C VAL B 120 -22.26 2.94 -6.74
N GLN B 121 -23.52 3.33 -6.59
CA GLN B 121 -23.88 4.50 -5.80
C GLN B 121 -23.94 4.18 -4.30
N GLY B 122 -23.17 4.91 -3.51
CA GLY B 122 -23.19 4.75 -2.05
C GLY B 122 -24.36 5.53 -1.44
N PRO B 123 -24.65 5.26 -0.16
CA PRO B 123 -25.71 5.97 0.57
C PRO B 123 -25.37 7.46 0.83
N ASP B 124 -26.35 8.18 1.34
CA ASP B 124 -26.22 9.63 1.54
C ASP B 124 -25.51 9.95 2.86
N THR B 125 -24.26 9.51 2.97
CA THR B 125 -23.44 9.78 4.15
C THR B 125 -21.97 9.81 3.74
N ALA B 126 -21.19 10.68 4.37
CA ALA B 126 -19.75 10.75 4.07
C ALA B 126 -19.14 9.41 4.46
N PRO B 127 -18.13 8.93 3.71
CA PRO B 127 -17.48 9.61 2.58
C PRO B 127 -18.05 9.22 1.22
N PHE B 128 -19.32 8.82 1.15
CA PHE B 128 -19.85 8.33 -0.11
C PHE B 128 -20.54 9.44 -0.91
N VAL B 129 -20.66 10.59 -0.28
CA VAL B 129 -21.20 11.80 -0.90
C VAL B 129 -20.39 12.95 -0.32
N PRO B 130 -20.30 14.08 -1.05
CA PRO B 130 -20.89 14.30 -2.38
C PRO B 130 -20.00 13.72 -3.47
N ARG B 131 -20.46 13.74 -4.70
CA ARG B 131 -19.66 13.26 -5.82
C ARG B 131 -20.19 13.92 -7.09
N PHE B 132 -19.71 13.50 -8.25
CA PHE B 132 -20.15 14.13 -9.49
C PHE B 132 -21.65 13.95 -9.66
N PRO B 133 -22.35 15.04 -10.01
CA PRO B 133 -23.80 14.97 -10.23
C PRO B 133 -24.21 14.00 -11.33
N LYS B 134 -23.38 13.85 -12.35
CA LYS B 134 -23.62 12.83 -13.38
C LYS B 134 -22.52 11.79 -13.37
N SER B 135 -22.64 10.81 -12.48
CA SER B 135 -21.54 9.87 -12.24
C SER B 135 -21.60 8.62 -13.12
N ASP B 136 -22.63 8.53 -13.97
CA ASP B 136 -22.80 7.41 -14.89
C ASP B 136 -22.86 6.09 -14.13
N LEU B 137 -23.74 6.04 -13.13
CA LEU B 137 -23.91 4.82 -12.34
C LEU B 137 -25.14 4.04 -12.83
N ARG B 138 -24.89 2.91 -13.49
CA ARG B 138 -25.89 2.30 -14.38
C ARG B 138 -26.66 1.12 -13.82
N LEU B 139 -26.27 0.65 -12.63
CA LEU B 139 -26.80 -0.60 -12.10
C LEU B 139 -28.25 -0.48 -11.64
N SER B 140 -29.00 -1.55 -11.81
CA SER B 140 -30.35 -1.65 -11.31
C SER B 140 -30.38 -1.50 -9.78
N LYS B 141 -31.59 -1.35 -9.23
CA LYS B 141 -31.75 -1.22 -7.79
C LYS B 141 -31.15 -2.44 -7.10
N GLU B 142 -31.43 -3.61 -7.66
CA GLU B 142 -30.97 -4.88 -7.08
C GLU B 142 -29.46 -5.03 -7.18
N LEU B 143 -28.91 -4.69 -8.34
CA LEU B 143 -27.47 -4.90 -8.57
C LEU B 143 -26.65 -3.89 -7.77
N ASN B 144 -27.13 -2.65 -7.69
CA ASN B 144 -26.46 -1.63 -6.90
C ASN B 144 -26.45 -2.07 -5.45
N LYS B 145 -27.56 -2.62 -5.00
CA LYS B 145 -27.65 -3.07 -3.62
C LYS B 145 -26.69 -4.22 -3.35
N ALA B 146 -26.55 -5.14 -4.30
CA ALA B 146 -25.56 -6.21 -4.21
C ALA B 146 -24.16 -5.65 -4.07
N GLY B 147 -23.85 -4.62 -4.84
CA GLY B 147 -22.54 -3.95 -4.73
C GLY B 147 -22.29 -3.39 -3.34
N VAL B 148 -23.29 -2.69 -2.79
CA VAL B 148 -23.19 -2.11 -1.46
C VAL B 148 -23.02 -3.21 -0.40
N ASP B 149 -23.84 -4.25 -0.47
CA ASP B 149 -23.79 -5.32 0.54
C ASP B 149 -22.44 -6.02 0.50
N GLN B 150 -21.91 -6.19 -0.70
CA GLN B 150 -20.64 -6.87 -0.89
C GLN B 150 -19.45 -6.01 -0.46
N TYR B 151 -19.55 -4.70 -0.69
CA TYR B 151 -18.55 -3.75 -0.17
C TYR B 151 -18.46 -3.92 1.35
N ILE B 152 -19.63 -4.01 1.99
CA ILE B 152 -19.66 -4.14 3.45
C ILE B 152 -19.07 -5.47 3.90
N GLU B 153 -19.50 -6.56 3.26
CA GLU B 153 -18.97 -7.88 3.58
C GLU B 153 -17.46 -7.96 3.31
N ALA B 154 -17.01 -7.29 2.25
CA ALA B 154 -15.60 -7.31 1.89
C ALA B 154 -14.73 -6.67 2.95
N LEU B 155 -15.30 -5.74 3.71
CA LEU B 155 -14.56 -5.18 4.85
C LEU B 155 -14.15 -6.28 5.83
N GLU B 156 -15.05 -7.22 6.08
CA GLU B 156 -14.74 -8.34 6.96
CA GLU B 156 -14.75 -8.34 6.97
C GLU B 156 -13.75 -9.28 6.29
N VAL B 157 -14.01 -9.60 5.03
CA VAL B 157 -13.17 -10.55 4.31
C VAL B 157 -11.71 -10.08 4.16
N ARG B 158 -11.50 -8.80 3.83
CA ARG B 158 -10.12 -8.31 3.70
C ARG B 158 -9.42 -8.33 5.06
N ARG B 159 -10.16 -8.11 6.14
CA ARG B 159 -9.59 -8.16 7.47
CA ARG B 159 -9.61 -8.17 7.49
C ARG B 159 -9.14 -9.58 7.82
N ILE B 160 -9.96 -10.57 7.46
CA ILE B 160 -9.64 -11.97 7.67
C ILE B 160 -8.39 -12.37 6.87
N CYS B 161 -8.22 -11.78 5.69
CA CYS B 161 -7.03 -12.00 4.89
C CYS B 161 -5.78 -11.53 5.64
N HIS B 162 -5.89 -10.41 6.34
CA HIS B 162 -4.76 -9.95 7.15
C HIS B 162 -4.52 -10.82 8.37
N GLU B 163 -5.59 -11.41 8.92
CA GLU B 163 -5.41 -12.40 9.98
C GLU B 163 -4.60 -13.57 9.42
N MET B 164 -4.91 -13.97 8.19
CA MET B 164 -4.16 -15.04 7.53
C MET B 164 -2.68 -14.68 7.35
N VAL B 165 -2.40 -13.46 6.88
CA VAL B 165 -1.02 -13.00 6.74
C VAL B 165 -0.30 -13.02 8.09
N ALA B 166 -0.97 -12.54 9.12
CA ALA B 166 -0.34 -12.41 10.45
C ALA B 166 -0.08 -13.75 11.15
N LEU B 167 -0.84 -14.78 10.79
CA LEU B 167 -0.66 -16.09 11.46
C LEU B 167 0.80 -16.54 11.44
N PHE B 168 1.45 -16.43 10.28
CA PHE B 168 2.87 -16.76 10.20
C PHE B 168 3.75 -15.53 9.96
N GLY B 169 3.09 -14.38 9.75
CA GLY B 169 3.78 -13.15 9.43
C GLY B 169 4.01 -12.21 10.60
N GLY B 170 3.37 -12.48 11.73
CA GLY B 170 3.56 -11.68 12.92
C GLY B 170 2.53 -10.59 13.14
N ARG B 171 2.36 -9.72 12.15
CA ARG B 171 1.29 -8.72 12.13
C ARG B 171 1.19 -8.16 10.72
N MET B 172 0.17 -7.35 10.49
CA MET B 172 -0.05 -6.76 9.16
C MET B 172 -0.92 -5.50 9.35
N PRO B 173 -0.56 -4.39 8.69
CA PRO B 173 0.58 -4.14 7.81
C PRO B 173 1.95 -4.34 8.48
N HIS B 174 2.95 -4.58 7.63
CA HIS B 174 4.37 -4.64 8.01
C HIS B 174 4.74 -5.90 8.80
N VAL B 175 4.88 -7.00 8.06
CA VAL B 175 5.15 -8.30 8.67
C VAL B 175 6.53 -8.32 9.35
N GLN B 176 6.66 -9.18 10.35
CA GLN B 176 7.94 -9.40 11.01
C GLN B 176 8.53 -10.73 10.53
N GLY B 177 7.70 -11.51 9.85
CA GLY B 177 7.96 -12.92 9.62
C GLY B 177 8.83 -13.36 8.46
N GLN B 178 9.13 -12.46 7.54
CA GLN B 178 10.08 -12.78 6.48
C GLN B 178 11.43 -12.10 6.74
N VAL B 179 12.50 -12.89 6.67
CA VAL B 179 13.86 -12.40 6.88
C VAL B 179 14.76 -13.08 5.86
N VAL B 180 15.99 -12.58 5.71
CA VAL B 180 16.97 -13.31 4.94
C VAL B 180 17.07 -14.73 5.51
N GLY B 181 17.08 -15.72 4.63
CA GLY B 181 17.18 -17.11 5.01
C GLY B 181 15.86 -17.85 5.24
N GLY B 182 14.74 -17.15 5.14
CA GLY B 182 13.44 -17.81 5.13
C GLY B 182 12.30 -17.12 5.85
N ALA B 183 11.71 -17.83 6.81
CA ALA B 183 10.58 -17.34 7.60
C ALA B 183 10.86 -17.61 9.08
N THR B 184 10.48 -16.67 9.94
CA THR B 184 10.88 -16.68 11.34
C THR B 184 10.09 -17.63 12.23
N GLU B 185 8.98 -18.16 11.72
CA GLU B 185 8.13 -18.98 12.55
C GLU B 185 7.65 -20.23 11.82
N ILE B 186 8.01 -21.40 12.36
CA ILE B 186 7.55 -22.66 11.82
C ILE B 186 6.05 -22.82 12.05
N PRO B 187 5.29 -23.07 10.95
CA PRO B 187 3.86 -23.36 11.07
C PRO B 187 3.58 -24.58 11.94
N THR B 188 2.69 -24.41 12.91
CA THR B 188 2.21 -25.54 13.70
C THR B 188 0.91 -26.09 13.13
N LYS B 189 0.58 -27.31 13.49
CA LYS B 189 -0.67 -27.93 13.05
C LYS B 189 -1.87 -27.05 13.41
N GLU B 190 -1.84 -26.52 14.62
CA GLU B 190 -2.93 -25.70 15.14
C GLU B 190 -3.13 -24.41 14.33
N LYS B 191 -2.05 -23.74 13.99
CA LYS B 191 -2.15 -22.47 13.26
C LYS B 191 -2.47 -22.70 11.80
N LEU B 192 -2.03 -23.84 11.26
CA LEU B 192 -2.44 -24.24 9.93
C LEU B 192 -3.94 -24.49 9.83
N VAL B 193 -4.54 -25.05 10.87
CA VAL B 193 -5.99 -25.21 10.90
C VAL B 193 -6.66 -23.83 10.90
N GLU B 194 -6.13 -22.92 11.70
CA GLU B 194 -6.63 -21.54 11.77
C GLU B 194 -6.55 -20.82 10.42
N TYR B 195 -5.43 -20.99 9.71
CA TYR B 195 -5.25 -20.37 8.41
C TYR B 195 -6.27 -20.92 7.42
N ALA B 196 -6.43 -22.24 7.41
CA ALA B 196 -7.33 -22.90 6.47
C ALA B 196 -8.80 -22.54 6.70
N ALA B 197 -9.16 -22.34 7.97
CA ALA B 197 -10.53 -21.98 8.33
C ALA B 197 -10.88 -20.60 7.77
N ARG B 198 -9.94 -19.67 7.92
CA ARG B 198 -10.11 -18.34 7.36
C ARG B 198 -10.09 -18.38 5.84
N PHE B 199 -9.18 -19.16 5.28
CA PHE B 199 -9.04 -19.29 3.84
C PHE B 199 -10.35 -19.76 3.19
N LYS B 200 -11.02 -20.70 3.85
CA LYS B 200 -12.28 -21.22 3.35
C LYS B 200 -13.34 -20.10 3.23
N LYS B 201 -13.41 -19.23 4.23
CA LYS B 201 -14.34 -18.11 4.18
C LYS B 201 -14.00 -17.13 3.06
N VAL B 202 -12.70 -16.89 2.84
CA VAL B 202 -12.28 -16.00 1.77
C VAL B 202 -12.62 -16.59 0.40
N ARG B 203 -12.31 -17.88 0.22
CA ARG B 203 -12.62 -18.58 -1.02
C ARG B 203 -14.12 -18.45 -1.37
N ASP B 204 -14.97 -18.71 -0.38
CA ASP B 204 -16.41 -18.64 -0.61
C ASP B 204 -16.82 -17.25 -1.09
N PHE B 205 -16.28 -16.21 -0.47
CA PHE B 205 -16.58 -14.85 -0.91
C PHE B 205 -16.09 -14.61 -2.33
N VAL B 206 -14.84 -15.00 -2.62
CA VAL B 206 -14.27 -14.77 -3.95
C VAL B 206 -15.10 -15.48 -5.02
N GLU B 207 -15.43 -16.74 -4.78
CA GLU B 207 -16.19 -17.54 -5.75
C GLU B 207 -17.64 -17.14 -5.92
N GLN B 208 -18.29 -16.79 -4.81
CA GLN B 208 -19.74 -16.59 -4.81
C GLN B 208 -20.17 -15.14 -5.00
N LYS B 209 -19.29 -14.21 -4.66
CA LYS B 209 -19.63 -12.78 -4.68
C LYS B 209 -18.74 -12.01 -5.65
N TYR B 210 -17.43 -12.03 -5.37
CA TYR B 210 -16.48 -11.15 -6.04
C TYR B 210 -16.35 -11.41 -7.55
N VAL B 211 -15.93 -12.61 -7.93
CA VAL B 211 -15.81 -12.92 -9.36
C VAL B 211 -17.14 -12.71 -10.13
N PRO B 212 -18.26 -13.22 -9.61
CA PRO B 212 -19.50 -12.96 -10.35
C PRO B 212 -19.86 -11.48 -10.44
N VAL B 213 -19.58 -10.68 -9.42
CA VAL B 213 -20.01 -9.29 -9.49
C VAL B 213 -19.22 -8.48 -10.52
N VAL B 214 -17.95 -8.81 -10.70
CA VAL B 214 -17.12 -8.07 -11.65
C VAL B 214 -17.61 -8.34 -13.09
N TYR B 215 -17.87 -9.60 -13.41
CA TYR B 215 -18.44 -9.90 -14.73
C TYR B 215 -19.83 -9.28 -14.90
N THR B 216 -20.63 -9.28 -13.85
CA THR B 216 -22.02 -8.83 -13.96
C THR B 216 -22.08 -7.31 -14.11
N ILE B 217 -21.29 -6.60 -13.30
CA ILE B 217 -21.16 -5.16 -13.48
C ILE B 217 -20.54 -4.84 -14.85
N GLY B 218 -19.55 -5.65 -15.25
CA GLY B 218 -18.91 -5.50 -16.53
C GLY B 218 -19.90 -5.61 -17.68
N SER B 219 -20.90 -6.47 -17.51
CA SER B 219 -21.89 -6.69 -18.57
C SER B 219 -22.84 -5.49 -18.76
N LYS B 220 -22.86 -4.59 -17.79
CA LYS B 220 -23.63 -3.35 -17.90
C LYS B 220 -22.77 -2.21 -18.44
N TYR B 221 -21.48 -2.48 -18.62
CA TYR B 221 -20.51 -1.49 -19.06
C TYR B 221 -19.66 -2.06 -20.16
N LYS B 222 -20.29 -2.64 -21.17
CA LYS B 222 -19.54 -3.30 -22.23
C LYS B 222 -18.70 -2.31 -23.01
N ASP B 223 -19.12 -1.05 -23.01
CA ASP B 223 -18.38 0.01 -23.67
C ASP B 223 -17.01 0.20 -23.05
N MET B 224 -16.87 -0.22 -21.80
CA MET B 224 -15.59 -0.05 -21.10
C MET B 224 -14.57 -1.13 -21.44
N PHE B 225 -14.96 -2.09 -22.28
CA PHE B 225 -14.00 -3.05 -22.82
C PHE B 225 -13.41 -2.56 -24.14
N LYS B 226 -13.86 -1.39 -24.61
CA LYS B 226 -13.48 -0.89 -25.93
C LYS B 226 -12.51 0.28 -25.86
N VAL B 227 -12.10 0.63 -24.65
CA VAL B 227 -11.21 1.77 -24.45
C VAL B 227 -10.13 1.42 -23.42
N GLY B 228 -9.03 2.16 -23.45
CA GLY B 228 -8.00 1.96 -22.45
C GLY B 228 -6.91 0.97 -22.85
N GLN B 229 -6.80 0.70 -24.15
CA GLN B 229 -5.83 -0.29 -24.64
C GLN B 229 -4.39 0.13 -24.42
N GLY B 230 -4.10 1.42 -24.62
CA GLY B 230 -2.73 1.88 -24.50
C GLY B 230 -1.79 1.16 -25.45
N PHE B 231 -0.60 0.78 -24.97
CA PHE B 231 0.39 0.14 -25.83
C PHE B 231 0.10 -1.34 -26.08
N LYS B 232 -0.80 -1.91 -25.29
CA LYS B 232 -1.08 -3.35 -25.35
C LYS B 232 0.22 -4.16 -25.19
N ALA B 233 1.03 -3.76 -24.21
CA ALA B 233 2.33 -4.35 -23.98
C ALA B 233 2.50 -4.62 -22.49
N ALA B 234 3.00 -5.81 -22.13
CA ALA B 234 2.93 -6.30 -20.77
C ALA B 234 4.22 -6.95 -20.29
N LEU B 235 4.48 -6.86 -18.98
CA LEU B 235 5.69 -7.41 -18.38
C LEU B 235 5.34 -8.29 -17.19
N CYS B 236 6.00 -9.45 -17.09
CA CYS B 236 5.93 -10.27 -15.87
C CYS B 236 7.35 -10.76 -15.56
N VAL B 237 7.79 -10.60 -14.32
CA VAL B 237 9.14 -11.01 -13.96
C VAL B 237 9.17 -12.28 -13.13
N GLY B 238 8.00 -12.89 -12.92
CA GLY B 238 7.90 -14.15 -12.21
C GLY B 238 7.70 -13.99 -10.71
N ALA B 239 7.00 -14.94 -10.09
CA ALA B 239 6.73 -14.87 -8.66
C ALA B 239 6.23 -16.19 -8.09
N PHE B 240 6.43 -16.36 -6.78
CA PHE B 240 5.97 -17.54 -6.04
C PHE B 240 6.66 -18.82 -6.47
N PRO B 241 7.91 -18.99 -6.03
CA PRO B 241 8.71 -20.17 -6.42
C PRO B 241 8.03 -21.47 -5.97
N LEU B 242 7.95 -22.44 -6.89
CA LEU B 242 7.24 -23.70 -6.60
C LEU B 242 8.22 -24.83 -6.32
N ASP B 243 9.51 -24.53 -6.37
CA ASP B 243 10.55 -25.48 -6.05
C ASP B 243 11.74 -24.74 -5.48
N ASN B 244 12.81 -25.46 -5.15
CA ASN B 244 13.96 -24.84 -4.50
C ASN B 244 15.13 -24.58 -5.43
N SER B 245 14.87 -24.65 -6.73
CA SER B 245 15.94 -24.47 -7.72
C SER B 245 15.71 -23.23 -8.59
N GLY B 246 14.78 -22.37 -8.18
CA GLY B 246 14.52 -21.12 -8.87
C GLY B 246 13.99 -21.27 -10.28
N LYS B 247 13.47 -22.46 -10.60
CA LYS B 247 12.94 -22.74 -11.92
C LYS B 247 11.45 -22.40 -12.04
N LYS B 248 10.61 -23.29 -11.52
CA LYS B 248 9.16 -23.15 -11.62
C LYS B 248 8.59 -22.11 -10.65
N HIS B 249 7.69 -21.29 -11.16
CA HIS B 249 6.99 -20.27 -10.37
C HIS B 249 5.52 -20.31 -10.73
N LEU B 250 4.68 -19.88 -9.80
CA LEU B 250 3.25 -19.73 -10.06
C LEU B 250 3.00 -18.82 -11.27
N PHE B 251 3.67 -17.68 -11.29
CA PHE B 251 3.66 -16.81 -12.45
C PHE B 251 5.04 -16.88 -13.08
N MET B 252 5.10 -17.33 -14.34
CA MET B 252 6.37 -17.41 -15.04
C MET B 252 6.67 -16.09 -15.77
N PRO B 253 7.97 -15.74 -15.88
CA PRO B 253 8.33 -14.46 -16.48
C PRO B 253 8.13 -14.42 -17.99
N GLY B 254 7.98 -13.22 -18.53
CA GLY B 254 7.82 -13.06 -19.96
C GLY B 254 7.37 -11.65 -20.30
N VAL B 255 7.58 -11.28 -21.56
CA VAL B 255 7.18 -9.97 -22.05
C VAL B 255 6.27 -10.19 -23.25
N TYR B 256 5.25 -9.35 -23.38
CA TYR B 256 4.35 -9.41 -24.52
C TYR B 256 4.27 -8.02 -25.11
N ALA B 257 4.59 -7.91 -26.39
CA ALA B 257 4.49 -6.62 -27.06
C ALA B 257 4.34 -6.83 -28.56
N LYS B 258 3.56 -5.95 -29.19
CA LYS B 258 3.30 -6.04 -30.63
C LYS B 258 2.85 -7.44 -31.02
N GLY B 259 2.04 -8.05 -30.16
CA GLY B 259 1.47 -9.36 -30.44
C GLY B 259 2.41 -10.54 -30.26
N LYS B 260 3.63 -10.29 -29.77
CA LYS B 260 4.61 -11.36 -29.64
C LYS B 260 5.06 -11.61 -28.20
N ASP B 261 5.29 -12.89 -27.87
CA ASP B 261 5.83 -13.29 -26.57
C ASP B 261 7.34 -13.48 -26.65
N MET B 262 8.04 -13.01 -25.61
CA MET B 262 9.49 -13.09 -25.60
C MET B 262 9.95 -13.20 -24.15
N PRO B 263 11.16 -13.74 -23.93
CA PRO B 263 11.65 -13.90 -22.55
C PRO B 263 11.96 -12.56 -21.90
N PHE B 264 11.95 -12.55 -20.57
CA PHE B 264 12.34 -11.37 -19.81
C PHE B 264 13.83 -11.40 -19.50
N ASP B 265 14.52 -10.32 -19.85
CA ASP B 265 15.95 -10.14 -19.57
C ASP B 265 16.08 -8.83 -18.81
N PRO B 266 16.38 -8.92 -17.50
CA PRO B 266 16.41 -7.70 -16.66
C PRO B 266 17.50 -6.70 -17.04
N SER B 267 18.49 -7.12 -17.81
CA SER B 267 19.56 -6.22 -18.23
C SER B 267 19.03 -5.14 -19.18
N LYS B 268 17.84 -5.36 -19.75
CA LYS B 268 17.24 -4.40 -20.67
C LYS B 268 16.39 -3.33 -20.00
N ILE B 269 16.36 -3.32 -18.67
CA ILE B 269 15.65 -2.28 -17.94
C ILE B 269 16.53 -1.05 -17.82
N LYS B 270 15.98 0.11 -18.18
CA LYS B 270 16.63 1.39 -17.92
C LYS B 270 15.60 2.34 -17.32
N GLU B 271 16.03 3.21 -16.41
CA GLU B 271 15.13 4.23 -15.87
C GLU B 271 15.54 5.62 -16.37
N TYR B 272 14.61 6.31 -17.03
CA TYR B 272 14.85 7.63 -17.59
C TYR B 272 14.30 8.67 -16.65
N VAL B 273 14.83 9.89 -16.68
CA VAL B 273 14.39 10.91 -15.73
C VAL B 273 14.15 12.30 -16.30
N LYS B 274 14.17 12.45 -17.63
CA LYS B 274 14.01 13.80 -18.21
C LYS B 274 12.77 14.52 -17.67
N TYR B 275 11.67 13.78 -17.55
CA TYR B 275 10.41 14.36 -17.12
C TYR B 275 10.14 14.07 -15.66
N SER B 276 11.17 13.65 -14.94
CA SER B 276 11.05 13.30 -13.52
C SER B 276 11.94 14.22 -12.70
N TRP B 277 11.57 14.48 -11.45
CA TRP B 277 12.31 15.42 -10.60
C TRP B 277 13.59 14.80 -10.00
N PHE B 278 14.52 14.43 -10.88
CA PHE B 278 15.81 13.88 -10.50
C PHE B 278 16.90 14.50 -11.38
N ALA B 279 18.12 14.54 -10.84
CA ALA B 279 19.25 15.13 -11.55
C ALA B 279 19.43 14.57 -12.95
N GLU B 280 19.59 15.48 -13.92
CA GLU B 280 19.69 15.10 -15.32
C GLU B 280 20.76 14.04 -15.61
N GLU B 281 21.89 14.13 -14.91
CA GLU B 281 22.98 13.20 -15.15
C GLU B 281 22.66 11.74 -14.75
N THR B 282 21.53 11.52 -14.09
CA THR B 282 21.19 10.16 -13.67
C THR B 282 20.22 9.47 -14.63
N THR B 283 20.02 10.05 -15.81
CA THR B 283 19.06 9.44 -16.75
C THR B 283 19.62 8.18 -17.41
N GLY B 284 18.73 7.22 -17.70
CA GLY B 284 19.08 6.06 -18.50
C GLY B 284 19.84 4.94 -17.81
N LEU B 285 19.76 4.90 -16.48
CA LEU B 285 20.50 3.90 -15.72
C LEU B 285 19.73 2.58 -15.53
N ASN B 286 20.41 1.46 -15.75
CA ASN B 286 19.89 0.17 -15.29
C ASN B 286 19.94 0.17 -13.75
N TYR B 287 19.07 -0.62 -13.11
CA TYR B 287 18.95 -0.60 -11.66
C TYR B 287 20.24 -0.97 -10.90
N LYS B 288 21.07 -1.81 -11.50
N LYS B 288 21.07 -1.81 -11.50
CA LYS B 288 22.33 -2.20 -10.86
CA LYS B 288 22.33 -2.20 -10.86
C LYS B 288 23.27 -1.00 -10.72
C LYS B 288 23.29 -1.02 -10.75
N GLU B 289 23.05 0.00 -11.57
CA GLU B 289 23.84 1.22 -11.55
C GLU B 289 22.98 2.42 -11.12
N GLY B 290 21.81 2.14 -10.56
CA GLY B 290 20.84 3.19 -10.28
C GLY B 290 21.33 4.25 -9.31
N LYS B 291 20.81 5.46 -9.47
CA LYS B 291 21.12 6.58 -8.61
C LYS B 291 19.85 7.36 -8.37
N THR B 292 19.73 7.97 -7.19
CA THR B 292 18.52 8.67 -6.82
C THR B 292 18.90 10.00 -6.22
N ILE B 293 18.90 11.02 -7.06
CA ILE B 293 19.30 12.37 -6.68
C ILE B 293 18.14 13.32 -7.01
N PRO B 294 17.38 13.70 -5.98
CA PRO B 294 16.18 14.50 -6.23
C PRO B 294 16.50 15.88 -6.83
N ALA B 295 15.62 16.37 -7.70
CA ALA B 295 15.74 17.70 -8.30
C ALA B 295 14.34 18.28 -8.47
N PRO B 296 13.71 18.66 -7.35
CA PRO B 296 12.30 19.08 -7.33
C PRO B 296 12.04 20.38 -8.10
N ASP B 297 13.08 21.13 -8.44
CA ASP B 297 12.91 22.37 -9.19
C ASP B 297 13.31 22.26 -10.66
N LYS B 298 13.62 21.04 -11.12
CA LYS B 298 14.12 20.89 -12.50
C LYS B 298 13.06 21.21 -13.54
N ALA B 299 13.39 22.12 -14.45
CA ALA B 299 12.42 22.57 -15.47
C ALA B 299 11.97 21.43 -16.37
N GLY B 300 10.67 21.37 -16.65
CA GLY B 300 10.14 20.41 -17.61
C GLY B 300 9.69 19.11 -17.00
N ALA B 301 10.19 18.81 -15.81
CA ALA B 301 9.83 17.57 -15.13
C ALA B 301 8.47 17.72 -14.49
N TYR B 302 7.77 16.61 -14.32
CA TYR B 302 6.42 16.69 -13.76
C TYR B 302 6.04 15.55 -12.85
N SER B 303 7.01 14.77 -12.41
CA SER B 303 6.67 13.62 -11.55
C SER B 303 7.86 13.19 -10.70
N PHE B 304 7.59 12.65 -9.52
CA PHE B 304 8.66 12.01 -8.74
C PHE B 304 8.84 10.54 -9.14
N VAL B 305 8.01 10.06 -10.07
CA VAL B 305 8.16 8.70 -10.58
C VAL B 305 9.18 8.73 -11.72
N LYS B 306 10.18 7.84 -11.68
CA LYS B 306 11.10 7.70 -12.81
C LYS B 306 10.36 7.00 -13.93
N ALA B 307 11.00 6.88 -15.10
CA ALA B 307 10.36 6.31 -16.27
C ALA B 307 11.11 5.06 -16.71
N PRO B 308 10.65 3.88 -16.25
CA PRO B 308 11.34 2.64 -16.60
C PRO B 308 10.94 2.18 -17.99
N ARG B 309 11.90 1.72 -18.77
CA ARG B 309 11.60 1.20 -20.09
C ARG B 309 12.32 -0.13 -20.26
N TYR B 310 11.66 -1.05 -20.94
CA TYR B 310 12.20 -2.38 -21.17
C TYR B 310 12.61 -2.51 -22.63
N ASP B 311 13.93 -2.52 -22.88
CA ASP B 311 14.47 -2.52 -24.23
C ASP B 311 13.83 -1.40 -25.02
N GLY B 312 13.66 -0.24 -24.38
CA GLY B 312 13.06 0.90 -25.03
C GLY B 312 11.54 0.97 -24.97
N LEU B 313 10.90 -0.12 -24.56
CA LEU B 313 9.44 -0.18 -24.57
C LEU B 313 8.80 0.31 -23.29
N SER B 314 7.66 0.99 -23.44
CA SER B 314 6.84 1.34 -22.31
C SER B 314 5.82 0.22 -22.10
N LEU B 315 5.92 -0.46 -20.96
CA LEU B 315 5.12 -1.66 -20.67
C LEU B 315 4.17 -1.43 -19.48
N GLU B 316 3.11 -2.23 -19.39
CA GLU B 316 2.29 -2.24 -18.17
C GLU B 316 2.50 -3.52 -17.39
N VAL B 317 2.09 -3.49 -16.13
CA VAL B 317 2.22 -4.64 -15.23
C VAL B 317 0.94 -4.81 -14.42
N GLY B 318 0.84 -5.91 -13.67
CA GLY B 318 -0.33 -6.15 -12.87
C GLY B 318 -1.04 -7.43 -13.26
N PRO B 319 -2.25 -7.66 -12.72
CA PRO B 319 -2.96 -8.92 -12.97
C PRO B 319 -3.16 -9.19 -14.46
N LEU B 320 -3.57 -8.16 -15.21
CA LEU B 320 -3.75 -8.33 -16.65
C LEU B 320 -2.43 -8.80 -17.28
N ALA B 321 -1.35 -8.11 -16.96
CA ALA B 321 -0.04 -8.49 -17.50
C ALA B 321 0.29 -9.95 -17.18
N ARG B 322 0.15 -10.35 -15.91
CA ARG B 322 0.49 -11.73 -15.53
C ARG B 322 -0.44 -12.76 -16.16
N MET B 323 -1.74 -12.49 -16.12
CA MET B 323 -2.73 -13.42 -16.66
C MET B 323 -2.60 -13.55 -18.17
N TRP B 324 -2.26 -12.44 -18.84
CA TRP B 324 -2.06 -12.49 -20.29
C TRP B 324 -0.79 -13.28 -20.60
N VAL B 325 0.30 -12.95 -19.93
CA VAL B 325 1.58 -13.63 -20.19
C VAL B 325 1.50 -15.14 -19.90
N ASN B 326 0.89 -15.50 -18.79
CA ASN B 326 0.83 -16.90 -18.36
C ASN B 326 -0.32 -17.69 -18.99
N ASN B 327 -1.36 -16.97 -19.38
CA ASN B 327 -2.52 -17.53 -20.06
C ASN B 327 -3.12 -18.77 -19.40
N PRO B 328 -3.51 -18.65 -18.12
CA PRO B 328 -4.10 -19.81 -17.47
C PRO B 328 -5.56 -20.02 -17.92
N GLU B 329 -6.11 -21.16 -17.57
CA GLU B 329 -7.52 -21.44 -17.79
C GLU B 329 -8.37 -20.46 -16.94
N LEU B 330 -9.51 -20.03 -17.47
CA LEU B 330 -10.40 -19.14 -16.74
C LEU B 330 -11.13 -19.88 -15.61
N SER B 331 -11.60 -19.11 -14.63
CA SER B 331 -12.40 -19.66 -13.53
C SER B 331 -13.69 -20.28 -14.07
N PRO B 332 -14.23 -21.28 -13.35
CA PRO B 332 -15.50 -21.85 -13.85
C PRO B 332 -16.60 -20.80 -13.91
N VAL B 333 -16.67 -19.92 -12.92
CA VAL B 333 -17.76 -18.95 -12.92
C VAL B 333 -17.56 -17.91 -14.02
N GLY B 334 -16.31 -17.55 -14.29
CA GLY B 334 -16.00 -16.64 -15.37
C GLY B 334 -16.41 -17.18 -16.72
N LYS B 335 -16.04 -18.44 -16.99
CA LYS B 335 -16.42 -19.08 -18.25
C LYS B 335 -17.92 -19.04 -18.47
N LYS B 336 -18.66 -19.29 -17.39
CA LYS B 336 -20.11 -19.40 -17.46
C LYS B 336 -20.78 -18.03 -17.66
N LEU B 337 -20.27 -17.01 -16.97
CA LEU B 337 -20.81 -15.66 -17.15
C LEU B 337 -20.41 -15.08 -18.51
N LEU B 338 -19.22 -15.42 -19.00
CA LEU B 338 -18.82 -15.00 -20.35
C LEU B 338 -19.80 -15.55 -21.38
N LYS B 339 -20.21 -16.80 -21.17
CA LYS B 339 -21.19 -17.41 -22.07
C LYS B 339 -22.56 -16.74 -21.90
N ASP B 340 -23.05 -16.69 -20.67
CA ASP B 340 -24.42 -16.25 -20.40
C ASP B 340 -24.66 -14.77 -20.64
N LEU B 341 -23.69 -13.94 -20.26
CA LEU B 341 -23.87 -12.49 -20.30
C LEU B 341 -23.23 -11.81 -21.52
N PHE B 342 -22.17 -12.42 -22.04
CA PHE B 342 -21.39 -11.77 -23.09
C PHE B 342 -21.46 -12.53 -24.42
N GLY B 343 -21.97 -13.76 -24.39
CA GLY B 343 -22.04 -14.57 -25.60
C GLY B 343 -20.66 -15.02 -26.06
N ILE B 344 -19.74 -15.13 -25.10
CA ILE B 344 -18.37 -15.50 -25.41
CA ILE B 344 -18.36 -15.49 -25.39
C ILE B 344 -18.02 -16.89 -24.91
N SER B 345 -17.47 -17.71 -25.82
CA SER B 345 -16.97 -19.02 -25.47
CA SER B 345 -16.96 -19.02 -25.46
C SER B 345 -15.48 -18.88 -25.21
N ALA B 346 -15.07 -19.07 -23.97
CA ALA B 346 -13.67 -18.88 -23.63
C ALA B 346 -13.17 -19.99 -22.72
N LYS B 347 -11.94 -20.42 -22.95
CA LYS B 347 -11.33 -21.44 -22.09
C LYS B 347 -10.17 -20.88 -21.28
N LYS B 348 -9.23 -20.24 -21.96
CA LYS B 348 -8.07 -19.63 -21.32
C LYS B 348 -8.18 -18.12 -21.38
N PHE B 349 -7.38 -17.43 -20.57
CA PHE B 349 -7.51 -15.99 -20.43
C PHE B 349 -7.41 -15.21 -21.77
N ARG B 350 -6.50 -15.62 -22.65
CA ARG B 350 -6.30 -14.91 -23.92
C ARG B 350 -7.49 -15.06 -24.87
N ASP B 351 -8.38 -16.00 -24.56
CA ASP B 351 -9.60 -16.17 -25.35
C ASP B 351 -10.53 -14.96 -25.24
N LEU B 352 -10.23 -14.05 -24.31
CA LEU B 352 -10.96 -12.80 -24.22
C LEU B 352 -10.63 -11.89 -25.41
N GLY B 353 -9.46 -12.11 -26.01
CA GLY B 353 -8.99 -11.30 -27.11
C GLY B 353 -8.15 -10.17 -26.56
N GLU B 354 -7.13 -9.76 -27.31
CA GLU B 354 -6.25 -8.70 -26.87
C GLU B 354 -6.97 -7.40 -26.57
N GLU B 355 -7.91 -7.03 -27.45
CA GLU B 355 -8.57 -5.73 -27.35
C GLU B 355 -9.39 -5.62 -26.06
N ALA B 356 -10.18 -6.65 -25.75
CA ALA B 356 -11.00 -6.61 -24.55
C ALA B 356 -10.19 -6.83 -23.28
N ALA B 357 -9.13 -7.64 -23.34
CA ALA B 357 -8.31 -7.88 -22.16
C ALA B 357 -7.58 -6.61 -21.74
N PHE B 358 -6.95 -5.94 -22.71
CA PHE B 358 -6.25 -4.68 -22.45
C PHE B 358 -7.24 -3.54 -22.53
N SER B 359 -8.11 -3.44 -21.54
CA SER B 359 -9.13 -2.40 -21.55
C SER B 359 -9.42 -1.99 -20.12
N LEU B 360 -10.18 -0.93 -19.96
CA LEU B 360 -10.56 -0.47 -18.63
C LEU B 360 -11.20 -1.60 -17.84
N MET B 361 -12.29 -2.16 -18.35
CA MET B 361 -12.98 -3.21 -17.61
CA MET B 361 -12.99 -3.22 -17.64
C MET B 361 -12.21 -4.53 -17.66
N GLY B 362 -11.42 -4.73 -18.71
CA GLY B 362 -10.61 -5.94 -18.81
C GLY B 362 -9.65 -6.10 -17.64
N ARG B 363 -9.09 -4.98 -17.19
CA ARG B 363 -8.13 -5.03 -16.09
C ARG B 363 -8.80 -5.39 -14.77
N HIS B 364 -10.04 -4.93 -14.56
CA HIS B 364 -10.82 -5.37 -13.39
C HIS B 364 -11.13 -6.86 -13.49
N VAL B 365 -11.51 -7.32 -14.68
CA VAL B 365 -11.79 -8.73 -14.86
C VAL B 365 -10.53 -9.58 -14.58
N ALA B 366 -9.38 -9.12 -15.07
CA ALA B 366 -8.14 -9.86 -14.88
C ALA B 366 -7.83 -10.02 -13.41
N ARG B 367 -8.05 -8.95 -12.65
CA ARG B 367 -7.76 -8.94 -11.22
C ARG B 367 -8.67 -9.94 -10.48
N ALA B 368 -9.95 -9.98 -10.85
CA ALA B 368 -10.86 -10.95 -10.25
C ALA B 368 -10.48 -12.39 -10.61
N GLU B 369 -10.18 -12.63 -11.89
CA GLU B 369 -9.72 -13.97 -12.30
C GLU B 369 -8.43 -14.38 -11.56
N GLU B 370 -7.50 -13.45 -11.40
CA GLU B 370 -6.26 -13.77 -10.72
C GLU B 370 -6.48 -14.12 -9.24
N THR B 371 -7.41 -13.41 -8.61
CA THR B 371 -7.78 -13.74 -7.23
C THR B 371 -8.27 -15.19 -7.16
N TYR B 372 -9.11 -15.60 -8.10
CA TYR B 372 -9.55 -16.99 -8.14
C TYR B 372 -8.37 -17.92 -8.35
N TYR B 373 -7.45 -17.54 -9.22
CA TYR B 373 -6.27 -18.33 -9.54
C TYR B 373 -5.38 -18.54 -8.30
N MET B 374 -5.22 -17.49 -7.51
CA MET B 374 -4.43 -17.55 -6.29
CA MET B 374 -4.43 -17.55 -6.28
C MET B 374 -5.03 -18.51 -5.26
N LEU B 375 -6.35 -18.68 -5.28
CA LEU B 375 -7.02 -19.59 -4.34
C LEU B 375 -6.46 -20.99 -4.53
N GLY B 376 -6.32 -21.41 -5.78
CA GLY B 376 -5.79 -22.72 -6.10
C GLY B 376 -4.36 -22.91 -5.65
N ALA B 377 -3.56 -21.86 -5.77
CA ALA B 377 -2.17 -21.92 -5.32
C ALA B 377 -2.08 -22.08 -3.82
N ILE B 378 -2.85 -21.28 -3.08
CA ILE B 378 -2.83 -21.33 -1.63
C ILE B 378 -3.34 -22.71 -1.15
N GLU B 379 -4.38 -23.21 -1.80
CA GLU B 379 -4.87 -24.56 -1.51
C GLU B 379 -3.75 -25.59 -1.63
N GLY B 380 -2.96 -25.47 -2.69
CA GLY B 380 -1.82 -26.35 -2.90
C GLY B 380 -0.76 -26.20 -1.82
N TRP B 381 -0.41 -24.96 -1.47
CA TRP B 381 0.59 -24.75 -0.43
C TRP B 381 0.13 -25.28 0.94
N LEU B 382 -1.17 -25.24 1.20
CA LEU B 382 -1.67 -25.74 2.48
C LEU B 382 -1.55 -27.25 2.56
N LYS B 383 -1.54 -27.90 1.40
CA LYS B 383 -1.32 -29.35 1.37
C LYS B 383 0.17 -29.68 1.39
N GLU B 384 0.98 -28.76 0.86
CA GLU B 384 2.42 -28.99 0.69
C GLU B 384 3.22 -28.71 1.97
N ILE B 385 2.83 -27.67 2.69
CA ILE B 385 3.47 -27.27 3.94
C ILE B 385 3.55 -28.46 4.91
N LYS B 386 4.66 -28.54 5.64
CA LYS B 386 4.80 -29.58 6.64
C LYS B 386 4.94 -28.93 8.00
N ALA B 387 3.95 -29.17 8.86
CA ALA B 387 3.98 -28.64 10.22
C ALA B 387 5.25 -29.11 10.90
N GLY B 388 5.95 -28.20 11.56
CA GLY B 388 7.09 -28.56 12.38
C GLY B 388 8.46 -28.47 11.71
N GLU B 389 8.50 -28.49 10.38
CA GLU B 389 9.75 -28.45 9.64
C GLU B 389 10.37 -27.05 9.60
N ASP B 390 11.68 -26.96 9.81
CA ASP B 390 12.34 -25.66 10.00
C ASP B 390 12.19 -24.79 8.74
N THR B 391 12.05 -23.49 8.96
CA THR B 391 11.72 -22.55 7.90
C THR B 391 12.79 -21.48 7.70
N VAL B 392 13.87 -21.52 8.49
CA VAL B 392 14.88 -20.48 8.38
C VAL B 392 16.31 -21.00 8.56
N VAL B 393 17.25 -20.32 7.91
CA VAL B 393 18.66 -20.42 8.23
C VAL B 393 19.15 -19.05 8.71
N MET B 394 20.26 -19.06 9.46
CA MET B 394 20.80 -17.83 10.03
C MET B 394 22.17 -17.49 9.42
N PRO B 395 22.16 -16.83 8.25
CA PRO B 395 23.42 -16.55 7.57
C PRO B 395 24.17 -15.38 8.19
N ALA B 396 25.48 -15.36 8.03
CA ALA B 396 26.29 -14.23 8.45
C ALA B 396 26.15 -13.10 7.45
N VAL B 397 26.29 -11.86 7.91
CA VAL B 397 26.30 -10.71 7.00
C VAL B 397 27.60 -10.72 6.21
N PRO B 398 27.50 -10.69 4.87
CA PRO B 398 28.74 -10.67 4.09
C PRO B 398 29.36 -9.26 4.13
N ALA B 399 30.66 -9.14 3.90
CA ALA B 399 31.29 -7.82 3.90
C ALA B 399 31.06 -7.16 2.56
N SER B 400 31.16 -7.95 1.49
N SER B 400 31.12 -7.95 1.50
CA SER B 400 30.92 -7.46 0.14
CA SER B 400 30.95 -7.47 0.14
C SER B 400 30.05 -8.46 -0.61
C SER B 400 30.08 -8.44 -0.66
N ALA B 401 29.00 -7.95 -1.23
CA ALA B 401 28.05 -8.80 -1.96
C ALA B 401 27.08 -7.95 -2.78
N GLU B 402 26.34 -8.62 -3.67
CA GLU B 402 25.17 -8.00 -4.28
C GLU B 402 24.07 -9.03 -4.47
N GLY B 403 22.84 -8.55 -4.61
CA GLY B 403 21.74 -9.47 -4.83
C GLY B 403 20.56 -8.75 -5.44
N THR B 404 19.74 -9.49 -6.18
CA THR B 404 18.53 -8.94 -6.79
C THR B 404 17.36 -9.85 -6.50
N GLY B 405 16.27 -9.26 -6.02
CA GLY B 405 15.09 -10.04 -5.73
C GLY B 405 14.02 -9.65 -6.74
N PHE B 406 13.52 -10.62 -7.47
CA PHE B 406 12.40 -10.39 -8.40
C PHE B 406 11.15 -11.05 -7.89
N THR B 407 10.05 -10.30 -7.90
CA THR B 407 8.76 -10.91 -7.57
C THR B 407 7.64 -10.14 -8.27
N GLU B 408 6.41 -10.57 -8.04
CA GLU B 408 5.25 -9.84 -8.53
C GLU B 408 4.40 -9.36 -7.34
N ALA B 409 4.34 -8.05 -7.14
CA ALA B 409 3.45 -7.47 -6.15
C ALA B 409 2.04 -7.58 -6.74
N PRO B 410 1.01 -7.44 -5.90
CA PRO B 410 -0.37 -7.48 -6.44
C PRO B 410 -0.60 -6.51 -7.60
N ARG B 411 0.14 -5.41 -7.65
CA ARG B 411 -0.02 -4.42 -8.72
C ARG B 411 0.89 -4.64 -9.92
N GLY B 412 1.85 -5.55 -9.81
CA GLY B 412 2.76 -5.83 -10.91
C GLY B 412 4.19 -6.12 -10.53
N SER B 413 5.07 -6.15 -11.52
CA SER B 413 6.46 -6.56 -11.33
C SER B 413 7.23 -5.69 -10.34
N LEU B 414 7.97 -6.35 -9.45
CA LEU B 414 8.75 -5.66 -8.44
C LEU B 414 10.15 -6.25 -8.35
N LEU B 415 11.16 -5.40 -8.33
CA LEU B 415 12.51 -5.88 -8.05
C LEU B 415 13.22 -4.96 -7.07
N HIS B 416 14.05 -5.57 -6.23
CA HIS B 416 14.93 -4.84 -5.33
C HIS B 416 16.35 -5.30 -5.65
N TYR B 417 17.25 -4.34 -5.81
CA TYR B 417 18.66 -4.63 -5.96
C TYR B 417 19.44 -4.07 -4.77
N VAL B 418 20.29 -4.89 -4.16
CA VAL B 418 21.15 -4.41 -3.08
C VAL B 418 22.63 -4.65 -3.37
N LYS B 419 23.46 -3.64 -3.09
CA LYS B 419 24.90 -3.80 -3.12
C LYS B 419 25.46 -3.57 -1.71
N VAL B 420 26.25 -4.52 -1.24
CA VAL B 420 26.80 -4.46 0.12
C VAL B 420 28.30 -4.17 0.06
N LYS B 421 28.75 -3.20 0.85
N LYS B 421 28.76 -3.21 0.87
CA LYS B 421 30.18 -2.94 1.02
CA LYS B 421 30.18 -2.94 1.02
C LYS B 421 30.44 -2.63 2.48
C LYS B 421 30.44 -2.63 2.48
N ASP B 422 31.56 -3.12 3.00
CA ASP B 422 31.90 -2.93 4.42
C ASP B 422 30.75 -3.40 5.31
N SER B 423 30.09 -4.48 4.90
CA SER B 423 28.97 -5.07 5.64
C SER B 423 27.75 -4.16 5.78
N LYS B 424 27.67 -3.14 4.92
CA LYS B 424 26.57 -2.18 4.98
C LYS B 424 25.99 -1.97 3.59
N ILE B 425 24.78 -1.40 3.52
CA ILE B 425 24.17 -1.11 2.23
C ILE B 425 24.91 0.03 1.54
N ASP B 426 25.48 -0.26 0.38
CA ASP B 426 26.19 0.73 -0.43
C ASP B 426 25.22 1.39 -1.41
N ASN B 427 24.37 0.57 -2.02
CA ASN B 427 23.31 1.05 -2.90
C ASN B 427 22.12 0.12 -2.75
N TYR B 428 20.92 0.67 -2.87
CA TYR B 428 19.69 -0.13 -2.88
C TYR B 428 18.78 0.52 -3.90
N GLN B 429 18.37 -0.22 -4.92
CA GLN B 429 17.50 0.32 -5.95
C GLN B 429 16.22 -0.49 -6.06
N ILE B 430 15.11 0.22 -6.20
CA ILE B 430 13.79 -0.38 -6.23
C ILE B 430 13.11 0.00 -7.53
N VAL B 431 12.65 -1.01 -8.25
CA VAL B 431 11.90 -0.82 -9.50
C VAL B 431 10.57 -1.53 -9.29
N SER B 432 9.51 -0.75 -9.06
CA SER B 432 8.26 -1.27 -8.51
C SER B 432 7.12 -1.31 -9.52
N ALA B 433 6.00 -1.90 -9.12
CA ALA B 433 4.88 -2.15 -10.04
C ALA B 433 4.27 -0.86 -10.58
N SER B 434 3.80 0.00 -9.69
CA SER B 434 3.13 1.21 -10.13
C SER B 434 4.09 2.20 -10.76
N LEU B 435 5.38 2.00 -10.53
CA LEU B 435 6.41 2.68 -11.31
C LEU B 435 6.29 2.31 -12.80
N TRP B 436 6.15 1.01 -13.10
CA TRP B 436 5.94 0.60 -14.49
C TRP B 436 4.65 1.16 -15.09
N ASN B 437 3.61 1.31 -14.28
CA ASN B 437 2.31 1.75 -14.83
C ASN B 437 2.13 3.26 -14.89
N CYS B 438 2.51 3.94 -13.81
CA CYS B 438 2.13 5.34 -13.59
C CYS B 438 3.26 6.34 -13.80
N ASN B 439 4.21 5.97 -14.64
CA ASN B 439 5.38 6.80 -14.87
C ASN B 439 5.14 7.89 -15.92
N PRO B 440 6.00 8.92 -15.94
CA PRO B 440 5.86 9.96 -16.95
C PRO B 440 6.56 9.59 -18.25
N ARG B 441 6.61 10.54 -19.19
CA ARG B 441 7.36 10.32 -20.42
C ARG B 441 8.82 10.00 -20.17
N ASP B 442 9.38 9.17 -21.04
CA ASP B 442 10.83 8.94 -21.02
C ASP B 442 11.53 10.06 -21.79
N ASP B 443 12.85 9.98 -21.89
CA ASP B 443 13.63 11.06 -22.49
C ASP B 443 13.30 11.27 -23.96
N MET B 444 12.70 10.26 -24.59
CA MET B 444 12.42 10.30 -26.02
C MET B 444 10.96 10.72 -26.30
N GLY B 445 10.21 10.99 -25.23
CA GLY B 445 8.85 11.47 -25.35
C GLY B 445 7.78 10.39 -25.40
N GLN B 446 8.17 9.14 -25.18
CA GLN B 446 7.20 8.03 -25.15
C GLN B 446 6.46 8.02 -23.81
N ARG B 447 5.13 8.02 -23.83
CA ARG B 447 4.33 8.07 -22.61
C ARG B 447 4.44 6.82 -21.74
N GLY B 448 4.13 6.98 -20.45
CA GLY B 448 4.02 5.83 -19.57
C GLY B 448 2.77 5.04 -19.88
N ALA B 449 2.64 3.85 -19.29
CA ALA B 449 1.57 2.92 -19.65
C ALA B 449 0.17 3.49 -19.44
N VAL B 450 -0.06 4.06 -18.25
CA VAL B 450 -1.38 4.62 -17.94
C VAL B 450 -1.63 5.91 -18.72
N GLU B 451 -0.61 6.74 -18.85
CA GLU B 451 -0.67 7.94 -19.71
C GLU B 451 -1.18 7.58 -21.10
N GLU B 452 -0.61 6.53 -21.68
CA GLU B 452 -1.03 6.06 -23.00
C GLU B 452 -2.42 5.44 -23.02
N ALA B 453 -2.74 4.69 -21.97
CA ALA B 453 -4.05 4.03 -21.89
C ALA B 453 -5.17 5.07 -21.73
N LEU B 454 -4.84 6.25 -21.24
CA LEU B 454 -5.84 7.32 -21.15
C LEU B 454 -6.27 7.85 -22.52
N ILE B 455 -5.41 7.71 -23.52
CA ILE B 455 -5.70 8.23 -24.85
C ILE B 455 -6.93 7.52 -25.41
N GLY B 456 -7.91 8.32 -25.85
CA GLY B 456 -9.13 7.77 -26.42
C GLY B 456 -10.27 7.60 -25.41
N ILE B 457 -9.98 7.80 -24.14
CA ILE B 457 -10.99 7.65 -23.10
C ILE B 457 -12.08 8.69 -23.31
N PRO B 458 -13.35 8.25 -23.34
CA PRO B 458 -14.44 9.19 -23.59
C PRO B 458 -14.69 10.16 -22.45
N VAL B 459 -14.83 11.43 -22.79
CA VAL B 459 -15.25 12.47 -21.86
C VAL B 459 -16.31 13.29 -22.59
N ASP B 460 -17.53 12.77 -22.61
CA ASP B 460 -18.62 13.47 -23.29
C ASP B 460 -19.16 14.65 -22.46
N ASP B 461 -18.79 14.71 -21.19
CA ASP B 461 -19.23 15.80 -20.33
C ASP B 461 -18.04 16.30 -19.50
N ILE B 462 -17.50 17.45 -19.90
CA ILE B 462 -16.35 18.06 -19.26
C ILE B 462 -16.62 18.41 -17.79
N GLN B 463 -17.89 18.69 -17.47
CA GLN B 463 -18.27 18.99 -16.09
C GLN B 463 -18.35 17.72 -15.24
N ASN B 464 -18.39 16.56 -15.89
CA ASN B 464 -18.44 15.28 -15.19
C ASN B 464 -17.49 14.25 -15.83
N PRO B 465 -16.17 14.53 -15.80
CA PRO B 465 -15.21 13.73 -16.57
C PRO B 465 -14.82 12.42 -15.87
N VAL B 466 -15.82 11.63 -15.51
CA VAL B 466 -15.59 10.49 -14.61
C VAL B 466 -14.68 9.39 -15.17
N ASN B 467 -14.62 9.25 -16.49
CA ASN B 467 -13.86 8.13 -17.05
C ASN B 467 -12.35 8.28 -16.95
N VAL B 468 -11.88 9.50 -16.74
CA VAL B 468 -10.45 9.72 -16.59
C VAL B 468 -9.95 8.93 -15.39
N ALA B 469 -10.52 9.18 -14.22
CA ALA B 469 -10.09 8.42 -13.05
C ALA B 469 -10.58 6.96 -13.04
N ARG B 470 -11.68 6.65 -13.74
CA ARG B 470 -12.07 5.24 -13.84
C ARG B 470 -10.98 4.44 -14.52
N LEU B 471 -10.41 4.99 -15.59
CA LEU B 471 -9.34 4.30 -16.31
C LEU B 471 -8.15 4.10 -15.37
N ILE B 472 -7.80 5.17 -14.67
CA ILE B 472 -6.63 5.13 -13.78
C ILE B 472 -6.82 4.06 -12.70
N ARG B 473 -8.01 4.02 -12.10
CA ARG B 473 -8.28 3.06 -11.02
C ARG B 473 -8.23 1.61 -11.50
N ALA B 474 -8.51 1.36 -12.77
CA ALA B 474 -8.47 -0.02 -13.28
C ALA B 474 -7.07 -0.61 -13.12
N PHE B 475 -6.06 0.26 -13.14
CA PHE B 475 -4.67 -0.14 -12.96
C PHE B 475 -4.25 -0.32 -11.48
N ASP B 476 -5.14 0.00 -10.53
CA ASP B 476 -4.86 -0.15 -9.10
C ASP B 476 -3.56 0.59 -8.70
N PRO B 477 -3.47 1.90 -9.01
CA PRO B 477 -2.19 2.60 -8.79
C PRO B 477 -1.82 2.73 -7.32
N SEC B 478 -0.52 2.65 -7.05
CA SEC B 478 0.00 2.90 -5.73
C SEC B 478 1.17 3.82 -5.89
N LEU B 479 0.97 5.10 -5.59
CA LEU B 479 2.03 6.07 -5.89
C LEU B 479 3.14 6.06 -4.84
N GLY B 480 2.82 5.55 -3.64
CA GLY B 480 3.86 5.28 -2.65
C GLY B 480 4.90 4.30 -3.19
N CYS B 481 4.43 3.19 -3.75
CA CYS B 481 5.34 2.25 -4.42
C CYS B 481 6.04 2.87 -5.62
N ALA B 482 5.29 3.63 -6.40
CA ALA B 482 5.84 4.14 -7.66
C ALA B 482 7.01 5.08 -7.43
N VAL B 483 6.94 5.87 -6.35
CA VAL B 483 8.00 6.84 -6.06
C VAL B 483 9.03 6.37 -5.05
N HIS B 484 8.55 5.72 -3.98
CA HIS B 484 9.38 5.31 -2.86
C HIS B 484 10.38 6.37 -2.41
#